data_8CR2
#
_entry.id   8CR2
#
_cell.length_a   1.00
_cell.length_b   1.00
_cell.length_c   1.00
_cell.angle_alpha   90.00
_cell.angle_beta   90.00
_cell.angle_gamma   90.00
#
_symmetry.space_group_name_H-M   'P 1'
#
loop_
_entity.id
_entity.type
_entity.pdbx_description
1 polymer 'ATPase ASNA1'
2 polymer 'Guided entry of tail-anchored proteins factor CAMLG,Guided entry of tail-anchored proteins factor 1'
3 non-polymer 'ZINC ION'
#
loop_
_entity_poly.entity_id
_entity_poly.type
_entity_poly.pdbx_seq_one_letter_code
_entity_poly.pdbx_strand_id
1 'polypeptide(L)'
;GAMAAGVAGWGVEAEEFEDAPDVEPLEPTLSNIIEQRSLKWIFVGGKGGVGKTTCSCSLAVQLSKGRESVLIISTDPAHN
ISDAFDQKFSKVPTKVKGYDNLFAMEIDPSLGVAELPDEFFEEDNMLSMGKKMMQEAMSAFPGIDEAMSYAEVMRLVKGM
NFSVVVFDTAPTGHTLRLLNFPTIVERGLGRLMQIKNQISPFISQMCNMLGLGDMNADQLASKLEETLPVIRSVSEQFKD
PEQTTFICVCIAEFLSLYETERLIQELAKCKIDTHNIIVNQLVFPDPEKPCKMCEARHKIQAKYLDQMEDLYEDFHIVKL
PLLPHEVRGADKVNTFSALLLEPYKPPSAQGSWSHPQFEK
;
A,B
2 'polypeptide(L)'
;MDSFRIFRLVGCALLALGVRAFVCKYLSIFAPFLTLQLAYMGLYKYFPKSEKKIKTTGGGGGIPAEVINRSMDTYSKMGE
VFTDLCVYFFTFIFCHELLDYWGSEVPGSGSENLYFQSGSGSMSSAAADHWAWLLVLSFVFGCNVLRILLPSFSSFMSRV
LQKDAEQESQMRAEIQDMKQELSTVNMMDEFARYARLERKINKMTDKLKTHVKARTAQLAKIKWVISVAFYVLQAALMIS
LIWKYYSVPVAVVPSKWITPLDRLVAFPTRVAGGVGITCWILVCNKVVAIVLHPFSGSGSLEVLFQ
;
C,D
#
# COMPACT_ATOMS: atom_id res chain seq x y z
N PRO A 25 12.74 -7.19 -37.87
CA PRO A 25 12.36 -8.52 -38.36
C PRO A 25 10.85 -8.73 -38.35
N LEU A 26 10.28 -8.97 -37.17
CA LEU A 26 8.86 -9.27 -37.05
C LEU A 26 8.03 -8.12 -37.63
N GLU A 27 7.06 -8.48 -38.48
CA GLU A 27 6.33 -7.51 -39.28
C GLU A 27 5.86 -6.32 -38.44
N PRO A 28 6.15 -5.09 -38.85
CA PRO A 28 5.65 -3.91 -38.16
C PRO A 28 4.20 -3.57 -38.48
N THR A 29 3.46 -4.52 -39.04
CA THR A 29 2.05 -4.34 -39.37
C THR A 29 1.18 -5.28 -38.54
N LEU A 30 -0.12 -5.01 -38.56
CA LEU A 30 -1.14 -5.70 -37.76
C LEU A 30 -1.83 -6.77 -38.59
N SER A 31 -1.04 -7.46 -39.40
CA SER A 31 -1.60 -8.41 -40.35
C SER A 31 -2.33 -9.54 -39.64
N ASN A 32 -1.82 -9.99 -38.49
CA ASN A 32 -2.42 -11.15 -37.84
C ASN A 32 -3.85 -10.83 -37.45
N ILE A 33 -4.04 -9.67 -36.82
CA ILE A 33 -5.36 -9.28 -36.35
C ILE A 33 -6.28 -9.08 -37.55
N ILE A 34 -5.82 -8.31 -38.53
CA ILE A 34 -6.68 -8.01 -39.67
C ILE A 34 -7.08 -9.29 -40.42
N GLU A 35 -6.21 -10.30 -40.45
CA GLU A 35 -6.46 -11.53 -41.19
C GLU A 35 -7.18 -12.62 -40.40
N GLN A 36 -7.27 -12.53 -39.08
CA GLN A 36 -7.79 -13.69 -38.34
C GLN A 36 -9.31 -13.65 -38.26
N ARG A 37 -9.92 -14.82 -38.48
CA ARG A 37 -11.35 -14.97 -38.60
C ARG A 37 -12.05 -15.44 -37.32
N SER A 38 -11.32 -15.87 -36.30
CA SER A 38 -11.96 -16.28 -35.06
C SER A 38 -11.96 -15.20 -33.99
N LEU A 39 -11.50 -13.99 -34.29
CA LEU A 39 -11.45 -12.95 -33.28
C LEU A 39 -12.86 -12.53 -32.90
N LYS A 40 -13.12 -12.38 -31.61
CA LYS A 40 -14.44 -11.94 -31.20
C LYS A 40 -14.36 -10.76 -30.23
N TRP A 41 -13.28 -10.66 -29.47
CA TRP A 41 -13.08 -9.56 -28.53
C TRP A 41 -11.67 -9.01 -28.70
N ILE A 42 -11.59 -7.74 -29.06
CA ILE A 42 -10.31 -7.06 -29.28
C ILE A 42 -10.27 -5.89 -28.29
N PHE A 43 -9.71 -6.14 -27.11
CA PHE A 43 -9.59 -5.09 -26.12
C PHE A 43 -8.53 -4.07 -26.55
N VAL A 44 -8.68 -2.85 -26.04
CA VAL A 44 -7.71 -1.78 -26.26
C VAL A 44 -7.52 -1.04 -24.94
N GLY A 45 -6.26 -0.89 -24.52
CA GLY A 45 -5.98 -0.27 -23.24
C GLY A 45 -4.68 0.51 -23.28
N GLY A 46 -4.33 1.09 -22.13
CA GLY A 46 -3.09 1.84 -22.04
C GLY A 46 -3.27 3.27 -21.58
N LYS A 47 -2.75 3.58 -20.38
CA LYS A 47 -2.94 4.90 -19.79
C LYS A 47 -2.15 5.95 -20.56
N GLY A 48 -2.45 7.21 -20.25
CA GLY A 48 -1.79 8.37 -20.81
C GLY A 48 -2.71 9.20 -21.69
N GLY A 49 -2.10 10.22 -22.30
CA GLY A 49 -2.80 11.14 -23.19
C GLY A 49 -3.08 10.61 -24.58
N VAL A 50 -2.70 9.35 -24.85
CA VAL A 50 -2.92 8.75 -26.15
C VAL A 50 -4.40 8.79 -26.53
N GLY A 51 -4.65 8.97 -27.82
CA GLY A 51 -6.01 8.95 -28.34
C GLY A 51 -6.45 7.53 -28.68
N LYS A 52 -6.54 6.70 -27.63
CA LYS A 52 -6.90 5.31 -27.80
C LYS A 52 -8.25 5.18 -28.51
N THR A 53 -9.18 6.08 -28.20
CA THR A 53 -10.48 6.06 -28.87
C THR A 53 -10.30 6.21 -30.38
N THR A 54 -9.44 7.16 -30.80
CA THR A 54 -9.21 7.35 -32.22
C THR A 54 -8.55 6.12 -32.84
N CYS A 55 -7.57 5.53 -32.14
CA CYS A 55 -6.90 4.35 -32.67
C CYS A 55 -7.88 3.20 -32.83
N SER A 56 -8.75 2.99 -31.84
CA SER A 56 -9.76 1.95 -31.92
C SER A 56 -10.74 2.21 -33.05
N CYS A 57 -11.16 3.47 -33.21
CA CYS A 57 -12.01 3.84 -34.33
C CYS A 57 -11.37 3.44 -35.65
N SER A 58 -10.09 3.75 -35.82
CA SER A 58 -9.36 3.39 -37.04
C SER A 58 -9.33 1.87 -37.22
N LEU A 59 -9.00 1.15 -36.15
CA LEU A 59 -9.00 -0.32 -36.24
C LEU A 59 -10.36 -0.85 -36.67
N ALA A 60 -11.45 -0.30 -36.11
CA ALA A 60 -12.79 -0.71 -36.50
C ALA A 60 -13.07 -0.42 -37.97
N VAL A 61 -12.79 0.81 -38.42
CA VAL A 61 -13.06 1.16 -39.81
C VAL A 61 -12.30 0.23 -40.74
N GLN A 62 -11.09 -0.20 -40.34
CA GLN A 62 -10.35 -1.09 -41.23
C GLN A 62 -10.93 -2.50 -41.16
N LEU A 63 -11.23 -2.98 -39.95
CA LEU A 63 -11.70 -4.35 -39.77
C LEU A 63 -13.01 -4.57 -40.53
N SER A 64 -13.85 -3.54 -40.60
CA SER A 64 -15.15 -3.68 -41.26
C SER A 64 -15.00 -4.10 -42.71
N LYS A 65 -14.07 -3.47 -43.45
CA LYS A 65 -13.87 -3.75 -44.87
C LYS A 65 -13.86 -5.24 -45.20
N GLY A 66 -12.85 -5.96 -44.69
CA GLY A 66 -12.77 -7.39 -44.96
C GLY A 66 -13.88 -8.20 -44.32
N ARG A 67 -14.26 -7.85 -43.09
CA ARG A 67 -15.22 -8.64 -42.33
C ARG A 67 -16.66 -8.26 -42.70
N GLU A 68 -17.61 -8.81 -41.95
CA GLU A 68 -19.03 -8.60 -42.24
C GLU A 68 -19.67 -7.45 -41.44
N SER A 69 -19.58 -7.48 -40.10
CA SER A 69 -20.17 -6.39 -39.32
C SER A 69 -19.46 -6.23 -37.99
N VAL A 70 -19.06 -5.00 -37.67
CA VAL A 70 -18.23 -4.68 -36.53
C VAL A 70 -19.01 -3.75 -35.60
N LEU A 71 -19.05 -4.08 -34.31
CA LEU A 71 -19.79 -3.31 -33.32
C LEU A 71 -18.83 -2.74 -32.29
N ILE A 72 -18.62 -1.43 -32.33
CA ILE A 72 -17.78 -0.76 -31.33
C ILE A 72 -18.54 -0.66 -30.01
N ILE A 73 -17.79 -0.61 -28.91
CA ILE A 73 -18.36 -0.29 -27.60
C ILE A 73 -17.53 0.88 -27.08
N SER A 74 -17.85 1.41 -25.91
CA SER A 74 -17.00 2.41 -25.28
C SER A 74 -17.27 2.44 -23.79
N THR A 75 -16.25 2.83 -23.03
CA THR A 75 -16.37 2.99 -21.59
C THR A 75 -15.72 4.27 -21.06
N ASP A 76 -14.91 4.97 -21.85
CA ASP A 76 -14.35 6.23 -21.39
C ASP A 76 -15.47 7.25 -21.16
N PRO A 77 -15.37 8.09 -20.13
CA PRO A 77 -16.41 9.10 -19.90
C PRO A 77 -16.39 10.26 -20.88
N ALA A 78 -15.33 10.43 -21.67
CA ALA A 78 -15.24 11.59 -22.55
C ALA A 78 -16.05 11.42 -23.83
N HIS A 79 -16.45 10.19 -24.15
CA HIS A 79 -17.31 9.93 -25.31
C HIS A 79 -16.69 10.48 -26.59
N ASN A 80 -15.36 10.38 -26.68
CA ASN A 80 -14.62 10.90 -27.82
C ASN A 80 -15.21 10.47 -29.16
N ILE A 81 -15.84 9.30 -29.21
CA ILE A 81 -16.56 8.87 -30.41
C ILE A 81 -17.49 9.98 -30.91
N SER A 82 -18.19 10.64 -29.98
CA SER A 82 -19.08 11.73 -30.34
C SER A 82 -18.36 12.82 -31.14
N ASP A 83 -17.32 13.42 -30.57
CA ASP A 83 -16.61 14.47 -31.29
C ASP A 83 -15.95 13.96 -32.56
N ALA A 84 -15.53 12.69 -32.59
CA ALA A 84 -14.91 12.11 -33.78
C ALA A 84 -15.92 11.82 -34.89
N PHE A 85 -17.22 11.78 -34.60
CA PHE A 85 -18.19 11.39 -35.61
C PHE A 85 -19.33 12.38 -35.83
N ASP A 86 -19.49 13.39 -34.98
CA ASP A 86 -20.56 14.38 -35.11
C ASP A 86 -21.92 13.72 -35.12
N GLN A 87 -22.11 12.73 -34.24
CA GLN A 87 -23.39 12.07 -34.09
C GLN A 87 -23.66 11.78 -32.62
N LYS A 88 -24.94 11.74 -32.25
CA LYS A 88 -25.37 11.36 -30.92
C LYS A 88 -25.72 9.87 -30.86
N PHE A 89 -25.50 9.26 -29.69
CA PHE A 89 -25.77 7.85 -29.49
C PHE A 89 -26.40 7.66 -28.12
N SER A 90 -26.78 6.43 -27.82
CA SER A 90 -27.43 6.08 -26.56
C SER A 90 -27.04 4.65 -26.19
N LYS A 91 -27.80 4.04 -25.29
CA LYS A 91 -27.53 2.69 -24.81
C LYS A 91 -27.92 1.60 -25.80
N VAL A 92 -28.21 1.96 -27.05
CA VAL A 92 -28.70 1.00 -28.04
C VAL A 92 -27.82 1.10 -29.28
N PRO A 93 -27.40 -0.02 -29.87
CA PRO A 93 -26.61 0.04 -31.10
C PRO A 93 -27.27 0.92 -32.15
N THR A 94 -26.45 1.53 -33.01
CA THR A 94 -26.98 2.45 -34.00
C THR A 94 -25.98 2.60 -35.13
N LYS A 95 -26.50 2.61 -36.35
CA LYS A 95 -25.72 2.81 -37.56
C LYS A 95 -25.17 4.23 -37.62
N VAL A 96 -24.04 4.40 -38.31
CA VAL A 96 -23.44 5.70 -38.50
C VAL A 96 -23.39 6.02 -39.99
N LYS A 97 -23.76 7.25 -40.33
CA LYS A 97 -23.78 7.69 -41.72
C LYS A 97 -22.42 7.50 -42.39
N GLY A 98 -22.46 7.04 -43.65
CA GLY A 98 -21.27 6.76 -44.43
C GLY A 98 -20.66 5.39 -44.18
N TYR A 99 -21.29 4.56 -43.36
CA TYR A 99 -20.78 3.23 -43.04
C TYR A 99 -21.99 2.30 -42.90
N ASP A 100 -21.86 1.10 -43.45
CA ASP A 100 -22.96 0.14 -43.44
C ASP A 100 -22.83 -0.93 -42.38
N ASN A 101 -21.69 -1.01 -41.69
CA ASN A 101 -21.46 -2.05 -40.69
C ASN A 101 -21.06 -1.53 -39.31
N LEU A 102 -20.56 -0.31 -39.21
CA LEU A 102 -20.10 0.22 -37.93
C LEU A 102 -21.32 0.67 -37.12
N PHE A 103 -21.48 0.12 -35.92
CA PHE A 103 -22.56 0.51 -35.02
C PHE A 103 -21.95 1.00 -33.72
N ALA A 104 -22.38 2.19 -33.29
CA ALA A 104 -21.84 2.80 -32.08
C ALA A 104 -22.59 2.35 -30.83
N MET A 105 -21.89 2.44 -29.69
CA MET A 105 -22.44 2.09 -28.38
C MET A 105 -21.65 2.80 -27.30
N GLU A 106 -22.30 3.06 -26.17
CA GLU A 106 -21.65 3.65 -25.01
C GLU A 106 -22.47 3.33 -23.78
N ILE A 107 -21.80 3.15 -22.63
CA ILE A 107 -22.50 2.74 -21.42
C ILE A 107 -21.94 3.46 -20.20
N ASP A 108 -22.63 4.53 -19.78
CA ASP A 108 -22.11 5.32 -18.67
C ASP A 108 -22.38 4.66 -17.32
N PRO A 109 -23.43 3.84 -17.14
CA PRO A 109 -23.47 3.07 -15.88
C PRO A 109 -22.42 1.97 -15.85
N SER A 110 -21.84 1.60 -16.99
CA SER A 110 -20.69 0.71 -16.97
C SER A 110 -19.44 1.44 -16.53
N PRO A 142 -26.86 -4.79 -6.21
CA PRO A 142 -25.57 -5.19 -5.62
C PRO A 142 -24.65 -5.85 -6.64
N GLY A 143 -23.99 -6.92 -6.21
CA GLY A 143 -23.12 -7.67 -7.10
C GLY A 143 -23.95 -8.49 -8.05
N ILE A 144 -25.05 -9.06 -7.53
CA ILE A 144 -25.97 -9.80 -8.38
C ILE A 144 -26.50 -8.90 -9.50
N ASP A 145 -26.93 -7.68 -9.16
CA ASP A 145 -27.48 -6.81 -10.18
C ASP A 145 -26.39 -6.22 -11.08
N GLU A 146 -25.16 -6.13 -10.58
CA GLU A 146 -24.06 -5.74 -11.46
C GLU A 146 -23.83 -6.81 -12.51
N ALA A 147 -23.71 -8.07 -12.06
CA ALA A 147 -23.65 -9.18 -13.00
C ALA A 147 -24.82 -9.16 -13.95
N MET A 148 -26.02 -8.78 -13.46
CA MET A 148 -27.20 -8.78 -14.32
C MET A 148 -27.03 -7.77 -15.45
N SER A 149 -26.51 -6.59 -15.13
CA SER A 149 -26.37 -5.55 -16.15
C SER A 149 -25.30 -5.95 -17.15
N TYR A 150 -24.20 -6.52 -16.65
CA TYR A 150 -23.15 -6.96 -17.55
C TYR A 150 -23.64 -8.09 -18.44
N ALA A 151 -24.43 -9.02 -17.87
CA ALA A 151 -24.93 -10.12 -18.68
C ALA A 151 -25.86 -9.58 -19.75
N GLU A 152 -26.62 -8.54 -19.40
CA GLU A 152 -27.54 -7.93 -20.35
C GLU A 152 -26.76 -7.39 -21.53
N VAL A 153 -25.70 -6.62 -21.25
CA VAL A 153 -24.96 -6.04 -22.37
C VAL A 153 -24.34 -7.16 -23.20
N MET A 154 -23.81 -8.20 -22.55
CA MET A 154 -23.15 -9.28 -23.30
C MET A 154 -24.14 -9.95 -24.23
N ARG A 155 -25.32 -10.30 -23.72
CA ARG A 155 -26.29 -11.01 -24.54
C ARG A 155 -26.73 -10.14 -25.70
N LEU A 156 -27.03 -8.85 -25.45
CA LEU A 156 -27.48 -8.01 -26.55
C LEU A 156 -26.37 -7.76 -27.57
N VAL A 157 -25.13 -7.57 -27.10
CA VAL A 157 -24.02 -7.30 -28.02
C VAL A 157 -23.72 -8.52 -28.87
N LYS A 158 -23.86 -9.72 -28.31
CA LYS A 158 -23.46 -10.94 -29.01
C LYS A 158 -24.55 -11.57 -29.85
N GLY A 159 -25.82 -11.50 -29.43
CA GLY A 159 -26.86 -12.22 -30.13
C GLY A 159 -27.07 -11.79 -31.57
N MET A 160 -27.01 -10.49 -31.84
CA MET A 160 -27.40 -9.99 -33.17
C MET A 160 -26.23 -10.15 -34.15
N ASN A 161 -25.91 -11.42 -34.41
CA ASN A 161 -24.98 -11.89 -35.45
C ASN A 161 -23.71 -11.04 -35.58
N PHE A 162 -23.05 -10.78 -34.45
CA PHE A 162 -21.87 -9.92 -34.43
C PHE A 162 -20.63 -10.81 -34.36
N SER A 163 -19.82 -10.73 -35.42
CA SER A 163 -18.58 -11.48 -35.50
C SER A 163 -17.50 -10.98 -34.55
N VAL A 164 -17.38 -9.67 -34.35
CA VAL A 164 -16.28 -9.11 -33.57
C VAL A 164 -16.75 -7.93 -32.75
N VAL A 165 -16.23 -7.84 -31.53
CA VAL A 165 -16.53 -6.78 -30.58
C VAL A 165 -15.23 -6.10 -30.18
N VAL A 166 -15.23 -4.77 -30.23
CA VAL A 166 -14.05 -3.97 -29.92
C VAL A 166 -14.36 -3.13 -28.69
N PHE A 167 -13.47 -3.16 -27.70
CA PHE A 167 -13.61 -2.41 -26.47
C PHE A 167 -12.66 -1.22 -26.44
N ASP A 168 -13.07 -0.16 -25.75
CA ASP A 168 -12.22 0.97 -25.41
C ASP A 168 -12.28 1.11 -23.89
N THR A 169 -11.40 0.41 -23.20
CA THR A 169 -11.40 0.45 -21.74
C THR A 169 -11.04 1.85 -21.24
N ALA A 170 -11.46 2.14 -20.01
CA ALA A 170 -11.19 3.44 -19.41
C ALA A 170 -9.73 3.54 -19.00
N PRO A 171 -9.22 4.76 -18.79
CA PRO A 171 -7.83 4.93 -18.36
C PRO A 171 -7.60 4.75 -16.87
N THR A 172 -8.55 4.18 -16.13
CA THR A 172 -8.38 4.02 -14.69
C THR A 172 -9.09 2.73 -14.26
N GLY A 173 -8.32 1.66 -14.16
CA GLY A 173 -8.80 0.37 -13.71
C GLY A 173 -8.79 -0.67 -14.83
N HIS A 174 -9.59 -1.71 -14.63
CA HIS A 174 -9.57 -2.87 -15.52
C HIS A 174 -10.78 -3.74 -15.21
N THR A 175 -11.53 -4.15 -16.23
CA THR A 175 -12.80 -4.86 -16.02
C THR A 175 -12.82 -6.32 -16.47
N LEU A 176 -11.83 -6.78 -17.24
CA LEU A 176 -11.75 -8.21 -17.55
C LEU A 176 -11.73 -9.07 -16.28
N ARG A 177 -10.76 -8.81 -15.38
CA ARG A 177 -10.63 -9.58 -14.14
C ARG A 177 -11.94 -9.75 -13.38
N LEU A 178 -12.88 -8.80 -13.54
CA LEU A 178 -14.19 -8.91 -12.89
C LEU A 178 -14.72 -10.34 -12.89
N LEU A 179 -14.69 -10.99 -14.06
CA LEU A 179 -15.21 -12.35 -14.23
C LEU A 179 -14.77 -13.29 -13.11
N ASN A 180 -13.62 -13.01 -12.47
CA ASN A 180 -13.20 -13.85 -11.36
C ASN A 180 -14.22 -13.82 -10.23
N PHE A 181 -14.85 -12.67 -9.99
CA PHE A 181 -15.84 -12.59 -8.91
C PHE A 181 -17.01 -13.54 -9.14
N PRO A 182 -17.69 -13.56 -10.33
CA PRO A 182 -18.70 -14.60 -10.58
C PRO A 182 -18.27 -16.03 -10.25
N THR A 183 -17.25 -16.55 -10.93
CA THR A 183 -16.86 -17.95 -10.72
C THR A 183 -16.69 -18.26 -9.22
N ILE A 184 -16.13 -17.32 -8.46
CA ILE A 184 -16.08 -17.48 -7.00
C ILE A 184 -17.49 -17.76 -6.48
N VAL A 185 -18.43 -16.86 -6.80
CA VAL A 185 -19.80 -16.99 -6.33
C VAL A 185 -20.36 -18.36 -6.70
N GLU A 186 -20.02 -18.84 -7.91
CA GLU A 186 -20.54 -20.12 -8.37
C GLU A 186 -20.20 -21.23 -7.39
N ARG A 187 -18.92 -21.34 -7.03
CA ARG A 187 -18.52 -22.33 -6.02
C ARG A 187 -19.36 -22.16 -4.76
N GLY A 188 -19.58 -20.91 -4.36
CA GLY A 188 -20.35 -20.63 -3.15
C GLY A 188 -21.77 -21.14 -3.25
N LEU A 189 -22.39 -20.97 -4.43
CA LEU A 189 -23.80 -21.28 -4.59
C LEU A 189 -24.08 -22.77 -4.36
N GLY A 190 -23.27 -23.65 -4.94
CA GLY A 190 -23.41 -25.06 -4.67
C GLY A 190 -23.10 -25.39 -3.22
N ARG A 191 -22.05 -24.79 -2.68
CA ARG A 191 -21.60 -25.07 -1.31
C ARG A 191 -22.62 -24.58 -0.29
N LEU A 192 -23.26 -23.43 -0.53
CA LEU A 192 -24.28 -22.96 0.39
C LEU A 192 -25.49 -23.90 0.44
N MET A 193 -25.94 -24.41 -0.70
CA MET A 193 -27.07 -25.36 -0.65
C MET A 193 -26.68 -26.62 0.09
N GLN A 194 -25.47 -27.12 -0.17
CA GLN A 194 -24.97 -28.33 0.50
C GLN A 194 -24.43 -28.00 1.89
N ASP A 218 -36.39 -17.00 -5.57
CA ASP A 218 -37.43 -16.83 -6.57
C ASP A 218 -36.87 -16.18 -7.84
N GLN A 219 -37.18 -14.89 -8.02
CA GLN A 219 -36.65 -14.16 -9.17
C GLN A 219 -35.14 -14.04 -9.09
N LEU A 220 -34.58 -14.06 -7.88
CA LEU A 220 -33.13 -13.99 -7.74
C LEU A 220 -32.48 -15.30 -8.15
N ALA A 221 -33.08 -16.43 -7.75
CA ALA A 221 -32.51 -17.72 -8.12
C ALA A 221 -32.50 -17.91 -9.63
N SER A 222 -33.60 -17.50 -10.29
CA SER A 222 -33.66 -17.61 -11.75
C SER A 222 -32.62 -16.71 -12.40
N LYS A 223 -32.43 -15.50 -11.83
CA LYS A 223 -31.42 -14.59 -12.36
C LYS A 223 -30.03 -15.17 -12.24
N LEU A 224 -29.73 -15.81 -11.10
CA LEU A 224 -28.43 -16.44 -10.93
C LEU A 224 -28.23 -17.57 -11.93
N GLU A 225 -29.30 -18.34 -12.18
CA GLU A 225 -29.21 -19.43 -13.15
C GLU A 225 -28.91 -18.91 -14.55
N GLU A 226 -29.49 -17.77 -14.92
CA GLU A 226 -29.30 -17.25 -16.27
C GLU A 226 -27.95 -16.58 -16.47
N THR A 227 -27.18 -16.34 -15.40
CA THR A 227 -25.92 -15.62 -15.46
C THR A 227 -24.70 -16.53 -15.45
N LEU A 228 -24.64 -17.48 -14.51
CA LEU A 228 -23.43 -18.28 -14.35
C LEU A 228 -23.03 -19.06 -15.60
N PRO A 229 -23.89 -19.86 -16.23
CA PRO A 229 -23.49 -20.46 -17.51
C PRO A 229 -23.05 -19.41 -18.52
N VAL A 230 -23.79 -18.31 -18.65
CA VAL A 230 -23.44 -17.29 -19.63
C VAL A 230 -22.09 -16.68 -19.27
N ILE A 231 -21.88 -16.35 -17.99
CA ILE A 231 -20.64 -15.70 -17.59
C ILE A 231 -19.48 -16.65 -17.83
N ARG A 232 -19.67 -17.92 -17.48
CA ARG A 232 -18.58 -18.89 -17.58
C ARG A 232 -18.31 -19.21 -19.06
N SER A 233 -19.35 -19.17 -19.89
CA SER A 233 -19.18 -19.38 -21.32
C SER A 233 -18.41 -18.22 -21.93
N VAL A 234 -18.76 -16.99 -21.57
CA VAL A 234 -18.11 -15.84 -22.20
C VAL A 234 -16.68 -15.70 -21.67
N SER A 235 -16.38 -16.38 -20.58
CA SER A 235 -15.05 -16.34 -19.96
C SER A 235 -14.01 -17.11 -20.77
N GLU A 236 -14.35 -18.31 -21.24
CA GLU A 236 -13.39 -19.09 -22.02
C GLU A 236 -12.95 -18.43 -23.32
N GLN A 237 -13.82 -17.71 -24.03
CA GLN A 237 -13.30 -17.01 -25.21
C GLN A 237 -12.21 -16.03 -24.84
N PHE A 238 -12.15 -15.58 -23.59
CA PHE A 238 -11.23 -14.53 -23.22
C PHE A 238 -9.85 -15.12 -22.89
N LYS A 239 -9.81 -16.24 -22.17
CA LYS A 239 -8.51 -16.81 -21.84
C LYS A 239 -7.93 -17.53 -23.05
N ASP A 240 -8.78 -17.87 -24.02
CA ASP A 240 -8.40 -18.46 -25.28
C ASP A 240 -7.45 -17.52 -26.03
N PRO A 241 -6.25 -17.96 -26.39
CA PRO A 241 -5.30 -17.08 -27.08
C PRO A 241 -5.51 -16.98 -28.58
N GLU A 242 -6.55 -17.59 -29.15
CA GLU A 242 -6.79 -17.49 -30.59
C GLU A 242 -8.06 -16.74 -30.95
N GLN A 243 -8.86 -16.31 -29.98
CA GLN A 243 -10.06 -15.54 -30.28
C GLN A 243 -10.24 -14.28 -29.43
N THR A 244 -9.37 -14.03 -28.47
CA THR A 244 -9.37 -12.81 -27.67
C THR A 244 -8.00 -12.16 -27.78
N THR A 245 -7.97 -10.84 -27.99
CA THR A 245 -6.68 -10.21 -28.19
C THR A 245 -6.68 -8.81 -27.60
N PHE A 246 -5.60 -8.50 -26.88
CA PHE A 246 -5.42 -7.22 -26.21
C PHE A 246 -4.46 -6.37 -27.02
N ILE A 247 -4.76 -5.08 -27.11
CA ILE A 247 -3.85 -4.10 -27.71
C ILE A 247 -3.55 -3.07 -26.64
N CYS A 248 -2.37 -3.14 -26.04
CA CYS A 248 -1.93 -2.03 -25.22
C CYS A 248 -1.38 -0.93 -26.11
N VAL A 249 -1.44 0.30 -25.62
CA VAL A 249 -0.84 1.44 -26.31
C VAL A 249 -0.13 2.31 -25.28
N CYS A 250 1.07 2.78 -25.63
CA CYS A 250 1.90 3.56 -24.71
C CYS A 250 2.46 4.74 -25.49
N ILE A 251 3.24 5.58 -24.80
CA ILE A 251 3.98 6.65 -25.45
C ILE A 251 5.46 6.43 -25.16
N ALA A 252 6.30 6.97 -26.04
CA ALA A 252 7.76 6.91 -25.90
C ALA A 252 8.20 7.91 -24.85
N GLU A 253 8.07 7.50 -23.58
CA GLU A 253 8.59 8.20 -22.42
C GLU A 253 8.67 7.21 -21.28
N PHE A 254 9.56 7.51 -20.32
CA PHE A 254 9.89 6.54 -19.29
C PHE A 254 8.66 6.08 -18.53
N LEU A 255 8.00 7.01 -17.84
CA LEU A 255 6.93 6.66 -16.91
C LEU A 255 5.84 5.81 -17.59
N SER A 256 5.41 6.23 -18.79
CA SER A 256 4.42 5.47 -19.53
C SER A 256 4.95 4.11 -19.98
N LEU A 257 6.22 4.06 -20.39
CA LEU A 257 6.81 2.78 -20.76
C LEU A 257 6.74 1.81 -19.59
N TYR A 258 7.20 2.25 -18.42
CA TYR A 258 7.17 1.41 -17.22
C TYR A 258 5.74 1.01 -16.89
N GLU A 259 4.79 1.92 -17.07
CA GLU A 259 3.39 1.60 -16.82
C GLU A 259 2.93 0.46 -17.72
N THR A 260 3.11 0.62 -19.03
CA THR A 260 2.67 -0.42 -19.96
C THR A 260 3.50 -1.70 -19.80
N GLU A 261 4.64 -1.61 -19.13
CA GLU A 261 5.42 -2.81 -18.82
C GLU A 261 4.64 -3.53 -17.75
N ARG A 262 4.54 -2.91 -16.56
CA ARG A 262 3.83 -3.54 -15.46
C ARG A 262 2.49 -4.07 -15.93
N LEU A 263 1.86 -3.39 -16.90
CA LEU A 263 0.56 -3.82 -17.39
C LEU A 263 0.68 -5.12 -18.15
N ILE A 264 1.66 -5.22 -19.06
CA ILE A 264 1.87 -6.46 -19.79
C ILE A 264 2.15 -7.60 -18.82
N GLN A 265 2.99 -7.35 -17.82
CA GLN A 265 3.33 -8.40 -16.86
C GLN A 265 2.09 -8.86 -16.09
N GLU A 266 1.30 -7.92 -15.60
CA GLU A 266 0.09 -8.27 -14.86
C GLU A 266 -0.89 -9.03 -15.74
N LEU A 267 -0.98 -8.66 -17.02
CA LEU A 267 -1.88 -9.38 -17.92
C LEU A 267 -1.41 -10.80 -18.16
N ALA A 268 -0.13 -10.97 -18.49
CA ALA A 268 0.42 -12.30 -18.67
C ALA A 268 0.22 -13.15 -17.42
N LYS A 269 0.33 -12.54 -16.24
CA LYS A 269 -0.02 -13.23 -15.00
C LYS A 269 -1.47 -13.69 -15.03
N CYS A 270 -2.40 -12.78 -15.33
CA CYS A 270 -3.81 -13.18 -15.42
C CYS A 270 -4.14 -13.97 -16.71
N LYS A 271 -3.12 -14.34 -17.50
CA LYS A 271 -3.25 -15.26 -18.63
C LYS A 271 -4.25 -14.77 -19.68
N ILE A 272 -3.89 -13.67 -20.32
CA ILE A 272 -4.65 -13.09 -21.42
C ILE A 272 -3.67 -12.88 -22.58
N ASP A 273 -4.11 -13.25 -23.78
CA ASP A 273 -3.22 -13.12 -24.93
C ASP A 273 -2.95 -11.66 -25.25
N THR A 274 -1.82 -11.42 -25.91
CA THR A 274 -1.39 -10.09 -26.31
C THR A 274 -0.24 -10.19 -27.31
N HIS A 275 -0.33 -9.45 -28.41
CA HIS A 275 0.72 -9.52 -29.42
C HIS A 275 1.15 -8.18 -30.00
N ASN A 276 0.64 -7.05 -29.50
CA ASN A 276 0.74 -5.81 -30.26
C ASN A 276 0.87 -4.63 -29.32
N ILE A 277 1.83 -3.75 -29.61
CA ILE A 277 2.06 -2.55 -28.82
C ILE A 277 2.16 -1.38 -29.81
N ILE A 278 1.04 -0.68 -30.03
CA ILE A 278 1.07 0.53 -30.81
C ILE A 278 1.77 1.64 -30.03
N VAL A 279 2.62 2.40 -30.71
CA VAL A 279 3.19 3.62 -30.14
C VAL A 279 2.48 4.79 -30.82
N ASN A 280 2.68 6.00 -30.29
CA ASN A 280 1.89 7.14 -30.75
C ASN A 280 2.62 8.43 -30.41
N GLN A 281 2.16 9.52 -31.05
CA GLN A 281 2.81 10.83 -30.97
C GLN A 281 4.30 10.76 -31.33
N LEU A 282 4.56 10.36 -32.57
CA LEU A 282 5.94 10.24 -33.07
C LEU A 282 6.25 11.43 -33.97
N VAL A 283 7.22 12.23 -33.56
CA VAL A 283 7.71 13.32 -34.39
C VAL A 283 8.63 12.73 -35.46
N PHE A 284 8.71 13.39 -36.60
CA PHE A 284 9.58 12.93 -37.69
C PHE A 284 10.16 14.14 -38.42
N PRO A 285 11.31 14.62 -37.98
CA PRO A 285 11.86 15.87 -38.49
C PRO A 285 12.79 15.62 -39.67
N ASP A 286 13.16 16.71 -40.33
CA ASP A 286 14.02 16.73 -41.50
C ASP A 286 14.92 17.95 -41.39
N PRO A 287 16.04 17.98 -42.11
CA PRO A 287 16.94 19.14 -42.00
C PRO A 287 16.31 20.43 -42.48
N GLU A 288 15.23 20.36 -43.28
CA GLU A 288 14.50 21.56 -43.67
C GLU A 288 14.09 22.39 -42.47
N LYS A 289 13.91 21.76 -41.31
CA LYS A 289 13.54 22.45 -40.09
C LYS A 289 14.79 22.71 -39.26
N PRO A 290 15.32 23.93 -39.20
CA PRO A 290 16.49 24.19 -38.34
C PRO A 290 16.18 24.15 -36.85
N CYS A 291 14.96 23.76 -36.50
CA CYS A 291 14.54 23.71 -35.10
C CYS A 291 15.43 22.71 -34.35
N LYS A 292 15.94 23.12 -33.18
CA LYS A 292 16.79 22.23 -32.39
C LYS A 292 16.04 21.24 -31.50
N MET A 293 14.94 21.68 -30.88
CA MET A 293 14.16 20.74 -30.07
C MET A 293 13.67 19.55 -30.89
N CYS A 294 13.33 19.77 -32.17
CA CYS A 294 12.91 18.65 -33.00
C CYS A 294 13.99 17.57 -33.16
N GLU A 295 15.27 17.87 -32.95
CA GLU A 295 16.23 16.78 -32.92
C GLU A 295 16.55 16.32 -31.50
N ALA A 296 16.37 17.20 -30.50
CA ALA A 296 16.63 16.75 -29.13
C ALA A 296 15.61 15.69 -28.74
N ARG A 297 14.33 16.01 -28.91
CA ARG A 297 13.31 15.00 -28.65
C ARG A 297 13.55 13.82 -29.57
N HIS A 298 13.89 14.09 -30.84
CA HIS A 298 14.08 13.02 -31.82
C HIS A 298 15.03 11.95 -31.27
N LYS A 299 16.22 12.37 -30.81
CA LYS A 299 17.16 11.41 -30.21
C LYS A 299 16.53 10.71 -29.02
N ILE A 300 15.80 11.46 -28.17
CA ILE A 300 15.16 10.82 -27.02
C ILE A 300 14.24 9.70 -27.50
N GLN A 301 13.36 10.03 -28.45
CA GLN A 301 12.39 9.09 -28.99
C GLN A 301 13.11 7.89 -29.58
N ALA A 302 14.21 8.13 -30.29
CA ALA A 302 15.03 7.06 -30.86
C ALA A 302 15.44 6.07 -29.79
N LYS A 303 16.22 6.56 -28.81
CA LYS A 303 16.72 5.72 -27.73
C LYS A 303 15.57 4.90 -27.13
N TYR A 304 14.52 5.58 -26.66
CA TYR A 304 13.45 4.86 -25.97
C TYR A 304 12.79 3.83 -26.89
N LEU A 305 12.41 4.24 -28.11
CA LEU A 305 11.79 3.30 -29.04
C LEU A 305 12.66 2.09 -29.29
N ASP A 306 13.97 2.26 -29.24
CA ASP A 306 14.85 1.15 -29.60
C ASP A 306 15.05 0.20 -28.44
N GLN A 307 15.25 0.74 -27.23
CA GLN A 307 15.26 -0.15 -26.08
C GLN A 307 13.92 -0.89 -25.97
N MET A 308 12.83 -0.23 -26.35
CA MET A 308 11.52 -0.87 -26.32
C MET A 308 11.48 -2.05 -27.28
N GLU A 309 11.93 -1.82 -28.53
CA GLU A 309 12.01 -2.91 -29.48
C GLU A 309 12.80 -4.06 -28.87
N ASP A 310 14.00 -3.75 -28.38
CA ASP A 310 14.86 -4.77 -27.81
C ASP A 310 14.11 -5.60 -26.77
N LEU A 311 13.31 -4.94 -25.93
CA LEU A 311 12.67 -5.63 -24.82
C LEU A 311 11.35 -6.29 -25.23
N TYR A 312 10.86 -6.00 -26.44
CA TYR A 312 9.59 -6.53 -26.94
C TYR A 312 9.73 -7.03 -28.36
N GLU A 313 10.89 -7.61 -28.70
CA GLU A 313 11.07 -8.15 -30.04
C GLU A 313 10.00 -9.19 -30.38
N ASP A 314 9.54 -9.93 -29.38
CA ASP A 314 8.49 -10.92 -29.60
C ASP A 314 7.20 -10.27 -30.06
N PHE A 315 6.61 -9.43 -29.20
CA PHE A 315 5.36 -8.77 -29.52
C PHE A 315 5.52 -7.84 -30.71
N HIS A 316 4.53 -7.83 -31.60
CA HIS A 316 4.56 -6.98 -32.78
C HIS A 316 4.57 -5.51 -32.38
N ILE A 317 5.34 -4.71 -33.13
CA ILE A 317 5.48 -3.27 -32.89
C ILE A 317 5.03 -2.56 -34.15
N VAL A 318 4.01 -1.72 -34.02
CA VAL A 318 3.41 -1.01 -35.16
C VAL A 318 3.39 0.49 -34.87
N LYS A 319 4.36 1.20 -35.42
CA LYS A 319 4.57 2.61 -35.10
C LYS A 319 3.61 3.47 -35.93
N LEU A 320 3.23 4.62 -35.35
CA LEU A 320 2.29 5.51 -36.02
C LEU A 320 2.83 6.93 -35.90
N PRO A 321 2.89 7.69 -36.99
CA PRO A 321 3.41 9.06 -36.93
C PRO A 321 2.41 10.02 -36.30
N LEU A 322 2.95 11.09 -35.74
CA LEU A 322 2.10 12.13 -35.16
C LEU A 322 1.40 12.90 -36.28
N LEU A 323 0.13 13.26 -36.03
CA LEU A 323 -0.40 14.02 -37.15
C LEU A 323 -0.47 15.51 -36.81
N PRO A 324 -0.27 16.38 -37.80
CA PRO A 324 -0.49 17.82 -37.57
C PRO A 324 -1.94 18.08 -37.13
N HIS A 325 -2.14 19.25 -36.51
CA HIS A 325 -3.50 19.68 -36.17
C HIS A 325 -4.40 20.15 -37.36
N GLU A 326 -4.15 20.15 -38.67
CA GLU A 326 -5.09 20.77 -39.60
C GLU A 326 -6.41 20.01 -39.65
N VAL A 327 -6.34 18.70 -39.90
CA VAL A 327 -7.53 17.88 -40.14
C VAL A 327 -7.85 17.03 -38.91
N ARG A 328 -9.07 17.17 -38.41
CA ARG A 328 -9.59 16.42 -37.28
C ARG A 328 -10.96 15.89 -37.67
N GLY A 329 -11.17 14.58 -37.55
CA GLY A 329 -12.42 14.01 -38.00
C GLY A 329 -12.18 12.77 -38.85
N ALA A 330 -13.23 12.40 -39.59
CA ALA A 330 -13.20 11.25 -40.48
C ALA A 330 -11.89 11.20 -41.26
N ASP A 331 -11.40 12.35 -41.72
CA ASP A 331 -10.16 12.36 -42.51
C ASP A 331 -8.97 11.83 -41.71
N LYS A 332 -8.80 12.28 -40.45
CA LYS A 332 -7.71 11.72 -39.66
C LYS A 332 -7.97 10.26 -39.36
N VAL A 333 -9.24 9.88 -39.28
CA VAL A 333 -9.55 8.48 -38.98
C VAL A 333 -9.12 7.61 -40.15
N ASN A 334 -9.40 8.04 -41.37
CA ASN A 334 -9.07 7.23 -42.54
C ASN A 334 -7.58 7.29 -42.86
N THR A 335 -6.88 8.35 -42.45
CA THR A 335 -5.45 8.36 -42.70
C THR A 335 -4.75 7.45 -41.69
N PHE A 336 -5.07 7.58 -40.40
CA PHE A 336 -4.56 6.60 -39.43
C PHE A 336 -4.88 5.18 -39.87
N SER A 337 -6.07 4.96 -40.45
CA SER A 337 -6.44 3.64 -40.93
C SER A 337 -5.48 3.16 -42.01
N ALA A 338 -5.25 3.99 -43.03
CA ALA A 338 -4.28 3.66 -44.07
C ALA A 338 -2.91 3.35 -43.49
N LEU A 339 -2.42 4.23 -42.60
CA LEU A 339 -1.09 4.04 -42.02
C LEU A 339 -1.00 2.78 -41.16
N LEU A 340 -2.13 2.34 -40.60
CA LEU A 340 -2.09 1.12 -39.80
C LEU A 340 -2.15 -0.11 -40.69
N LEU A 341 -2.88 0.00 -41.80
CA LEU A 341 -2.91 -1.05 -42.81
C LEU A 341 -1.53 -1.28 -43.40
N GLU A 342 -0.93 -0.23 -43.97
CA GLU A 342 0.32 -0.34 -44.70
C GLU A 342 1.48 0.20 -43.86
N PRO A 343 2.68 -0.37 -44.02
CA PRO A 343 3.82 0.05 -43.19
C PRO A 343 4.31 1.46 -43.51
N TYR A 344 4.44 2.28 -42.46
CA TYR A 344 4.78 3.69 -42.62
C TYR A 344 6.22 3.86 -43.10
N LYS A 345 6.40 4.81 -44.02
CA LYS A 345 7.70 5.27 -44.46
C LYS A 345 7.60 6.73 -44.91
N PRO A 346 8.29 7.65 -44.23
CA PRO A 346 8.30 9.07 -44.60
C PRO A 346 9.00 9.32 -45.93
N PRO B 25 -1.65 35.11 -5.63
CA PRO B 25 -1.12 34.15 -6.61
C PRO B 25 0.33 33.79 -6.36
N LEU B 26 1.01 34.61 -5.55
CA LEU B 26 2.44 34.47 -5.23
C LEU B 26 3.29 34.92 -6.40
N GLU B 27 4.57 34.59 -6.39
CA GLU B 27 5.52 35.05 -7.38
C GLU B 27 6.37 33.88 -7.86
N PRO B 28 6.84 33.91 -9.12
CA PRO B 28 7.53 32.72 -9.66
C PRO B 28 9.01 32.70 -9.33
N THR B 29 9.34 33.04 -8.08
CA THR B 29 10.72 33.08 -7.61
C THR B 29 10.81 32.37 -6.27
N LEU B 30 11.93 31.67 -6.04
CA LEU B 30 12.08 30.92 -4.79
C LEU B 30 12.57 31.82 -3.66
N SER B 31 11.98 33.01 -3.57
CA SER B 31 12.45 34.00 -2.60
C SER B 31 12.30 33.47 -1.19
N ASN B 32 11.22 32.73 -0.93
CA ASN B 32 11.00 32.25 0.44
C ASN B 32 12.10 31.29 0.83
N ILE B 33 12.37 30.29 -0.01
CA ILE B 33 13.34 29.26 0.32
C ILE B 33 14.73 29.84 0.47
N ILE B 34 15.05 30.92 -0.27
CA ILE B 34 16.34 31.56 -0.07
C ILE B 34 16.35 32.45 1.17
N GLU B 35 15.24 33.13 1.45
CA GLU B 35 15.18 34.13 2.52
C GLU B 35 14.62 33.52 3.80
N GLN B 36 15.38 32.58 4.36
CA GLN B 36 15.02 31.86 5.56
C GLN B 36 16.27 31.23 6.15
N ARG B 37 16.43 31.35 7.46
CA ARG B 37 17.57 30.80 8.18
C ARG B 37 17.27 29.44 8.80
N SER B 38 16.10 29.29 9.42
CA SER B 38 15.79 28.09 10.19
C SER B 38 15.82 26.81 9.36
N LEU B 39 15.71 26.89 8.04
CA LEU B 39 15.85 25.70 7.22
C LEU B 39 17.22 25.07 7.37
N LYS B 40 17.23 23.74 7.49
CA LYS B 40 18.48 22.97 7.55
C LYS B 40 18.42 21.78 6.60
N TRP B 41 17.22 21.29 6.33
CA TRP B 41 17.01 20.13 5.46
C TRP B 41 16.10 20.51 4.29
N ILE B 42 16.60 20.26 3.08
CA ILE B 42 15.85 20.50 1.86
C ILE B 42 15.84 19.18 1.10
N PHE B 43 14.66 18.73 0.69
CA PHE B 43 14.52 17.48 -0.02
C PHE B 43 13.90 17.75 -1.38
N VAL B 44 14.53 17.24 -2.43
CA VAL B 44 14.03 17.41 -3.79
C VAL B 44 13.50 16.06 -4.24
N GLY B 45 12.34 16.06 -4.93
CA GLY B 45 11.74 14.82 -5.35
C GLY B 45 11.06 14.93 -6.70
N GLY B 46 10.72 13.77 -7.26
CA GLY B 46 10.02 13.74 -8.53
C GLY B 46 10.48 12.67 -9.50
N LYS B 47 9.56 11.84 -10.00
CA LYS B 47 9.92 10.80 -10.95
C LYS B 47 9.88 11.36 -12.38
N GLY B 48 9.97 10.47 -13.37
CA GLY B 48 10.00 10.87 -14.76
C GLY B 48 11.37 11.30 -15.21
N GLY B 49 11.46 11.63 -16.49
CA GLY B 49 12.73 12.08 -17.05
C GLY B 49 13.02 13.51 -16.65
N VAL B 50 13.23 13.69 -15.35
CA VAL B 50 13.47 15.00 -14.75
C VAL B 50 14.93 15.07 -14.31
N GLY B 51 15.54 16.22 -14.52
CA GLY B 51 16.93 16.44 -14.14
C GLY B 51 17.07 16.73 -12.66
N LYS B 52 16.78 15.72 -11.83
CA LYS B 52 16.83 15.92 -10.38
C LYS B 52 18.21 16.35 -9.94
N THR B 53 19.26 15.74 -10.49
CA THR B 53 20.62 16.14 -10.15
C THR B 53 20.88 17.58 -10.56
N THR B 54 20.41 17.96 -11.75
CA THR B 54 20.61 19.32 -12.23
C THR B 54 19.96 20.34 -11.30
N CYS B 55 18.70 20.12 -10.93
CA CYS B 55 18.03 21.11 -10.10
C CYS B 55 18.54 21.07 -8.66
N SER B 56 18.95 19.90 -8.18
CA SER B 56 19.59 19.81 -6.86
C SER B 56 20.83 20.67 -6.83
N CYS B 57 21.79 20.39 -7.71
CA CYS B 57 23.01 21.20 -7.77
C CYS B 57 22.70 22.66 -8.02
N SER B 58 21.62 22.96 -8.74
CA SER B 58 21.25 24.35 -9.02
C SER B 58 20.88 25.07 -7.73
N LEU B 59 19.89 24.53 -7.02
CA LEU B 59 19.51 25.07 -5.72
C LEU B 59 20.70 25.16 -4.79
N ALA B 60 21.57 24.16 -4.81
CA ALA B 60 22.74 24.18 -3.92
C ALA B 60 23.66 25.34 -4.25
N VAL B 61 23.99 25.51 -5.52
CA VAL B 61 24.90 26.57 -5.94
C VAL B 61 24.34 27.93 -5.56
N GLN B 62 23.03 28.13 -5.75
CA GLN B 62 22.46 29.42 -5.39
C GLN B 62 22.41 29.60 -3.87
N LEU B 63 21.93 28.58 -3.17
CA LEU B 63 21.81 28.62 -1.71
C LEU B 63 23.17 28.91 -1.05
N SER B 64 24.25 28.40 -1.63
CA SER B 64 25.57 28.56 -1.05
C SER B 64 25.93 30.02 -0.85
N LYS B 65 25.67 30.85 -1.86
CA LYS B 65 25.97 32.28 -1.78
C LYS B 65 25.52 32.88 -0.45
N GLY B 66 24.21 32.83 -0.19
CA GLY B 66 23.70 33.39 1.05
C GLY B 66 24.16 32.65 2.29
N ARG B 67 24.25 31.32 2.21
CA ARG B 67 24.57 30.52 3.38
C ARG B 67 26.09 30.49 3.58
N GLU B 68 26.54 29.69 4.54
CA GLU B 68 27.96 29.58 4.87
C GLU B 68 28.63 28.40 4.17
N SER B 69 28.10 27.18 4.33
CA SER B 69 28.67 26.00 3.69
C SER B 69 27.60 24.94 3.48
N VAL B 70 27.54 24.40 2.25
CA VAL B 70 26.47 23.52 1.80
C VAL B 70 27.04 22.17 1.43
N LEU B 71 26.42 21.10 1.94
CA LEU B 71 26.87 19.72 1.71
C LEU B 71 25.83 18.95 0.91
N ILE B 72 26.07 18.79 -0.39
CA ILE B 72 25.17 18.01 -1.25
C ILE B 72 25.33 16.53 -0.95
N ILE B 73 24.21 15.80 -0.93
CA ILE B 73 24.21 14.35 -0.71
C ILE B 73 23.32 13.71 -1.76
N SER B 74 23.87 12.80 -2.55
CA SER B 74 23.12 12.07 -3.54
C SER B 74 22.54 10.79 -2.95
N THR B 75 21.51 10.26 -3.63
CA THR B 75 21.09 8.89 -3.42
C THR B 75 20.83 8.14 -4.73
N ASP B 76 20.69 8.83 -5.85
CA ASP B 76 20.40 8.16 -7.12
C ASP B 76 21.59 7.30 -7.57
N PRO B 77 21.36 6.06 -7.97
CA PRO B 77 22.48 5.19 -8.38
C PRO B 77 23.15 5.61 -9.68
N ALA B 78 22.70 6.69 -10.31
CA ALA B 78 23.31 7.18 -11.54
C ALA B 78 24.45 8.16 -11.29
N HIS B 79 24.52 8.74 -10.09
CA HIS B 79 25.69 9.53 -9.66
C HIS B 79 25.95 10.71 -10.58
N ASN B 80 24.89 11.27 -11.17
CA ASN B 80 25.01 12.32 -12.17
C ASN B 80 25.69 13.57 -11.63
N ILE B 81 25.86 13.70 -10.32
CA ILE B 81 26.69 14.75 -9.75
C ILE B 81 28.12 14.66 -10.30
N SER B 82 28.67 13.45 -10.33
CA SER B 82 29.97 13.23 -10.96
C SER B 82 29.98 13.73 -12.40
N ASP B 83 28.95 13.37 -13.17
CA ASP B 83 28.86 13.83 -14.56
C ASP B 83 28.86 15.35 -14.64
N ALA B 84 28.01 16.01 -13.85
CA ALA B 84 27.86 17.46 -13.93
C ALA B 84 29.05 18.21 -13.38
N PHE B 85 29.89 17.59 -12.53
CA PHE B 85 30.94 18.31 -11.84
C PHE B 85 32.35 17.86 -12.18
N ASP B 86 32.51 16.80 -12.97
CA ASP B 86 33.71 16.33 -13.70
C ASP B 86 34.81 15.87 -12.76
N GLN B 87 34.48 15.62 -11.49
CA GLN B 87 35.42 15.10 -10.52
C GLN B 87 34.87 13.82 -9.90
N LYS B 88 35.78 13.04 -9.33
CA LYS B 88 35.43 11.80 -8.65
C LYS B 88 35.28 12.03 -7.16
N PHE B 89 34.35 11.29 -6.55
CA PHE B 89 33.99 11.46 -5.15
C PHE B 89 33.83 10.07 -4.53
N SER B 90 33.52 10.04 -3.24
CA SER B 90 33.34 8.79 -2.52
C SER B 90 32.54 9.07 -1.25
N LYS B 91 32.47 8.05 -0.38
CA LYS B 91 31.70 8.17 0.86
C LYS B 91 32.23 9.26 1.78
N VAL B 92 33.43 9.76 1.55
CA VAL B 92 33.94 10.90 2.32
C VAL B 92 33.39 12.19 1.73
N PRO B 93 32.84 13.10 2.53
CA PRO B 93 32.49 14.42 2.02
C PRO B 93 33.73 15.27 1.80
N THR B 94 33.82 15.87 0.62
CA THR B 94 35.04 16.55 0.16
C THR B 94 34.69 17.93 -0.34
N LYS B 95 35.73 18.68 -0.69
CA LYS B 95 35.56 19.98 -1.32
C LYS B 95 35.12 19.80 -2.77
N VAL B 96 35.02 20.92 -3.49
CA VAL B 96 34.56 20.91 -4.88
C VAL B 96 35.45 21.84 -5.69
N LYS B 97 35.92 21.36 -6.83
CA LYS B 97 36.80 22.14 -7.69
C LYS B 97 36.07 23.40 -8.17
N GLY B 98 36.83 24.48 -8.35
CA GLY B 98 36.27 25.73 -8.82
C GLY B 98 35.31 26.43 -7.88
N TYR B 99 35.34 26.09 -6.59
CA TYR B 99 34.43 26.68 -5.62
C TYR B 99 35.09 26.68 -4.26
N ASP B 100 34.45 27.37 -3.31
CA ASP B 100 35.02 27.59 -1.99
C ASP B 100 34.24 26.87 -0.90
N ASN B 101 32.94 27.13 -0.80
CA ASN B 101 32.12 26.54 0.26
C ASN B 101 31.38 25.29 -0.18
N LEU B 102 31.28 25.04 -1.48
CA LEU B 102 30.57 23.86 -1.99
C LEU B 102 31.20 22.58 -1.44
N PHE B 103 30.34 21.67 -0.98
CA PHE B 103 30.78 20.38 -0.48
C PHE B 103 29.86 19.31 -1.03
N ALA B 104 30.45 18.26 -1.60
CA ALA B 104 29.68 17.16 -2.18
C ALA B 104 29.89 15.89 -1.38
N MET B 105 29.07 14.88 -1.68
CA MET B 105 29.18 13.54 -1.12
C MET B 105 28.07 12.70 -1.76
N GLU B 106 28.21 11.38 -1.66
CA GLU B 106 27.20 10.47 -2.17
C GLU B 106 27.39 9.10 -1.52
N ILE B 107 26.28 8.41 -1.28
CA ILE B 107 26.28 7.09 -0.66
C ILE B 107 25.16 6.27 -1.29
N ASP B 108 25.53 5.24 -2.04
CA ASP B 108 24.59 4.20 -2.43
C ASP B 108 24.15 3.29 -1.27
N PRO B 109 24.94 3.13 -0.18
CA PRO B 109 24.42 2.35 0.96
C PRO B 109 23.12 2.86 1.55
N SER B 110 22.67 4.07 1.20
CA SER B 110 21.28 4.46 1.47
C SER B 110 20.31 3.40 0.94
N PRO B 142 17.71 -8.50 10.56
CA PRO B 142 17.52 -8.10 9.16
C PRO B 142 17.46 -6.58 8.97
N GLY B 143 16.56 -5.93 9.70
CA GLY B 143 16.30 -4.52 9.53
C GLY B 143 17.13 -3.60 10.39
N ILE B 144 18.16 -4.12 11.06
CA ILE B 144 18.94 -3.33 12.01
C ILE B 144 20.16 -2.71 11.36
N ASP B 145 20.89 -3.46 10.51
CA ASP B 145 22.18 -2.96 10.02
C ASP B 145 21.99 -1.78 9.07
N GLU B 146 20.87 -1.72 8.37
CA GLU B 146 20.56 -0.54 7.57
C GLU B 146 20.35 0.68 8.47
N ALA B 147 19.58 0.51 9.54
CA ALA B 147 19.38 1.60 10.49
C ALA B 147 20.67 2.04 11.16
N MET B 148 21.60 1.12 11.43
CA MET B 148 22.85 1.55 12.06
C MET B 148 23.73 2.28 11.06
N SER B 149 23.78 1.81 9.81
CA SER B 149 24.50 2.55 8.77
C SER B 149 23.93 3.96 8.61
N TYR B 150 22.61 4.09 8.56
CA TYR B 150 21.99 5.41 8.48
C TYR B 150 22.29 6.25 9.72
N ALA B 151 22.38 5.62 10.89
CA ALA B 151 22.71 6.34 12.11
C ALA B 151 24.14 6.87 12.06
N GLU B 152 25.08 6.04 11.60
CA GLU B 152 26.44 6.50 11.37
C GLU B 152 26.49 7.66 10.40
N VAL B 153 25.73 7.56 9.30
CA VAL B 153 25.63 8.66 8.34
C VAL B 153 25.22 9.95 9.06
N MET B 154 24.08 9.92 9.73
CA MET B 154 23.57 11.13 10.38
C MET B 154 24.48 11.64 11.49
N ARG B 155 25.16 10.74 12.20
CA ARG B 155 26.17 11.18 13.16
C ARG B 155 27.28 11.95 12.47
N LEU B 156 27.89 11.35 11.45
CA LEU B 156 28.93 12.05 10.70
C LEU B 156 28.42 13.37 10.13
N VAL B 157 27.11 13.46 9.87
CA VAL B 157 26.53 14.71 9.39
C VAL B 157 26.55 15.75 10.50
N LYS B 158 25.99 15.40 11.66
CA LYS B 158 25.98 16.31 12.79
C LYS B 158 27.39 16.74 13.19
N GLY B 159 28.38 15.87 12.99
CA GLY B 159 29.75 16.26 13.31
C GLY B 159 30.21 17.44 12.48
N MET B 160 30.01 17.38 11.16
CA MET B 160 30.27 18.56 10.35
C MET B 160 29.33 19.70 10.70
N ASN B 161 28.09 19.38 11.09
CA ASN B 161 27.08 20.36 11.52
C ASN B 161 26.89 21.46 10.48
N PHE B 162 26.83 21.07 9.20
CA PHE B 162 26.63 22.02 8.13
C PHE B 162 25.27 22.69 8.26
N SER B 163 25.21 23.98 7.95
CA SER B 163 23.98 24.75 8.10
C SER B 163 22.82 24.17 7.30
N VAL B 164 23.07 23.74 6.06
CA VAL B 164 22.01 23.18 5.23
C VAL B 164 22.54 21.96 4.49
N VAL B 165 21.91 20.81 4.72
CA VAL B 165 22.24 19.56 4.04
C VAL B 165 21.15 19.19 3.03
N VAL B 166 21.36 19.56 1.77
CA VAL B 166 20.36 19.30 0.74
C VAL B 166 20.55 17.89 0.19
N PHE B 167 19.43 17.18 0.02
CA PHE B 167 19.42 15.82 -0.50
C PHE B 167 19.03 15.80 -1.98
N ASP B 168 19.08 14.61 -2.55
CA ASP B 168 18.56 14.30 -3.89
C ASP B 168 17.99 12.89 -3.80
N THR B 169 16.70 12.78 -3.51
CA THR B 169 16.05 11.49 -3.37
C THR B 169 16.13 10.72 -4.69
N ALA B 170 15.91 9.40 -4.61
CA ALA B 170 16.10 8.54 -5.77
C ALA B 170 14.83 8.32 -6.60
N PRO B 171 14.85 7.54 -7.70
CA PRO B 171 13.60 7.28 -8.44
C PRO B 171 12.40 6.79 -7.67
N THR B 172 12.54 6.00 -6.60
CA THR B 172 11.35 5.43 -5.97
C THR B 172 11.06 5.92 -4.55
N GLY B 173 10.31 7.01 -4.46
CA GLY B 173 9.69 7.42 -3.21
C GLY B 173 10.50 8.45 -2.43
N HIS B 174 10.65 8.21 -1.13
CA HIS B 174 11.36 9.07 -0.19
C HIS B 174 11.98 8.21 0.91
N THR B 175 13.27 8.47 1.15
CA THR B 175 14.12 7.78 2.12
C THR B 175 13.75 8.05 3.58
N LEU B 176 13.08 9.15 3.89
CA LEU B 176 12.70 9.37 5.29
C LEU B 176 11.41 8.67 5.70
N ARG B 177 10.58 8.24 4.76
CA ARG B 177 9.44 7.39 5.15
C ARG B 177 9.94 6.08 5.75
N LEU B 178 10.96 5.50 5.14
CA LEU B 178 11.57 4.27 5.64
C LEU B 178 12.12 4.43 7.05
N LEU B 179 12.80 5.54 7.36
CA LEU B 179 13.49 5.62 8.64
C LEU B 179 12.55 5.41 9.83
N ASN B 180 11.25 5.74 9.67
CA ASN B 180 10.35 5.67 10.82
C ASN B 180 10.14 4.24 11.31
N PHE B 181 10.42 3.24 10.47
CA PHE B 181 10.15 1.84 10.84
C PHE B 181 11.00 1.38 12.03
N PRO B 182 12.32 1.62 12.07
CA PRO B 182 13.11 1.07 13.19
C PRO B 182 12.61 1.42 14.58
N THR B 183 12.14 2.65 14.81
CA THR B 183 11.71 3.03 16.14
C THR B 183 10.59 2.11 16.63
N ILE B 184 9.57 1.89 15.79
CA ILE B 184 8.43 1.07 16.18
C ILE B 184 8.91 -0.31 16.65
N VAL B 185 9.66 -1.00 15.80
CA VAL B 185 10.17 -2.32 16.13
C VAL B 185 11.12 -2.25 17.32
N GLU B 186 11.92 -1.19 17.41
CA GLU B 186 12.84 -1.03 18.54
C GLU B 186 12.08 -0.95 19.86
N ARG B 187 10.98 -0.21 19.90
CA ARG B 187 10.19 -0.14 21.13
C ARG B 187 9.64 -1.51 21.51
N GLY B 188 9.16 -2.27 20.52
CA GLY B 188 8.71 -3.62 20.82
C GLY B 188 9.82 -4.50 21.35
N LEU B 189 11.01 -4.38 20.77
CA LEU B 189 12.16 -5.17 21.22
C LEU B 189 12.54 -4.81 22.64
N GLY B 190 12.44 -3.52 23.00
CA GLY B 190 12.71 -3.12 24.37
C GLY B 190 11.72 -3.68 25.37
N ARG B 191 10.42 -3.65 25.02
CA ARG B 191 9.37 -4.24 25.84
C ARG B 191 9.81 -5.55 26.50
N LEU B 192 10.42 -6.43 25.73
CA LEU B 192 10.92 -7.71 26.23
C LEU B 192 11.88 -7.52 27.40
N SER B 222 22.03 -1.72 24.66
CA SER B 222 23.37 -1.73 24.09
C SER B 222 23.57 -0.58 23.10
N LYS B 223 23.85 -0.93 21.85
CA LYS B 223 23.99 0.07 20.79
C LYS B 223 22.67 0.75 20.47
N LEU B 224 21.57 -0.02 20.41
CA LEU B 224 20.26 0.54 20.11
C LEU B 224 19.92 1.75 20.98
N GLU B 225 20.25 1.70 22.28
CA GLU B 225 19.99 2.85 23.13
C GLU B 225 20.72 4.09 22.62
N GLU B 226 22.06 4.02 22.55
CA GLU B 226 22.86 5.12 22.01
C GLU B 226 22.24 5.66 20.72
N THR B 227 21.98 4.75 19.78
CA THR B 227 21.36 5.06 18.50
C THR B 227 20.07 5.87 18.65
N LEU B 228 19.24 5.56 19.64
CA LEU B 228 17.94 6.19 19.81
C LEU B 228 17.96 7.73 19.79
N PRO B 229 18.67 8.43 20.69
CA PRO B 229 18.66 9.91 20.63
C PRO B 229 19.07 10.48 19.29
N VAL B 230 20.13 9.99 18.65
CA VAL B 230 20.59 10.58 17.40
C VAL B 230 19.51 10.51 16.33
N ILE B 231 18.43 9.79 16.61
CA ILE B 231 17.34 9.56 15.68
C ILE B 231 16.12 10.37 16.08
N ARG B 232 15.66 10.24 17.34
CA ARG B 232 14.59 11.11 17.80
C ARG B 232 14.90 12.59 17.55
N SER B 233 16.18 12.96 17.63
CA SER B 233 16.58 14.34 17.31
C SER B 233 16.20 14.70 15.89
N VAL B 234 16.63 13.90 14.90
CA VAL B 234 16.31 14.25 13.53
C VAL B 234 14.84 14.00 13.25
N SER B 235 14.16 13.24 14.10
CA SER B 235 12.73 13.01 13.89
C SER B 235 11.97 14.28 14.23
N GLU B 236 12.35 14.96 15.32
CA GLU B 236 11.80 16.28 15.58
C GLU B 236 12.22 17.24 14.48
N GLN B 237 13.51 17.22 14.12
CA GLN B 237 14.05 18.06 13.06
C GLN B 237 13.16 18.00 11.82
N PHE B 238 12.68 16.81 11.47
CA PHE B 238 11.87 16.62 10.28
C PHE B 238 10.42 17.01 10.52
N LYS B 239 9.84 16.58 11.66
CA LYS B 239 8.44 16.90 11.91
C LYS B 239 8.21 18.40 12.01
N ASP B 240 9.26 19.16 12.23
CA ASP B 240 9.13 20.62 12.30
C ASP B 240 8.80 21.17 10.92
N PRO B 241 7.71 21.91 10.76
CA PRO B 241 7.41 22.54 9.46
C PRO B 241 8.20 23.79 9.17
N GLU B 242 9.25 24.08 9.93
CA GLU B 242 10.00 25.32 9.82
C GLU B 242 11.47 25.10 9.54
N GLN B 243 12.00 23.93 9.90
CA GLN B 243 13.41 23.59 9.73
C GLN B 243 13.69 22.77 8.48
N THR B 244 12.69 22.08 7.92
CA THR B 244 12.89 21.22 6.77
C THR B 244 11.77 21.47 5.77
N THR B 245 12.01 21.12 4.51
CA THR B 245 10.95 21.31 3.52
C THR B 245 11.21 20.46 2.28
N PHE B 246 10.13 20.27 1.51
CA PHE B 246 10.12 19.47 0.29
C PHE B 246 9.97 20.38 -0.93
N ILE B 247 10.60 19.98 -2.03
CA ILE B 247 10.46 20.65 -3.32
C ILE B 247 10.22 19.55 -4.36
N CYS B 248 8.96 19.29 -4.68
CA CYS B 248 8.72 18.36 -5.77
C CYS B 248 9.00 19.01 -7.13
N VAL B 249 9.23 18.17 -8.14
CA VAL B 249 9.64 18.59 -9.48
C VAL B 249 8.84 17.77 -10.49
N CYS B 250 8.20 18.46 -11.44
CA CYS B 250 7.28 17.80 -12.36
C CYS B 250 7.48 18.27 -13.79
N ILE B 251 7.03 17.40 -14.71
CA ILE B 251 6.93 17.68 -16.13
C ILE B 251 5.46 17.90 -16.48
N ALA B 252 5.22 18.61 -17.58
CA ALA B 252 3.87 18.97 -18.01
C ALA B 252 3.22 17.83 -18.80
N GLU B 253 3.04 16.69 -18.12
CA GLU B 253 2.33 15.57 -18.70
C GLU B 253 1.38 14.98 -17.67
N PHE B 254 0.18 14.60 -18.13
CA PHE B 254 -0.92 14.26 -17.23
C PHE B 254 -0.52 13.17 -16.24
N LEU B 255 0.25 12.18 -16.70
CA LEU B 255 0.68 11.10 -15.81
C LEU B 255 1.51 11.66 -14.67
N SER B 256 2.51 12.47 -14.98
CA SER B 256 3.36 13.05 -13.95
C SER B 256 2.56 13.98 -13.05
N LEU B 257 1.57 14.69 -13.61
CA LEU B 257 0.73 15.55 -12.79
C LEU B 257 -0.04 14.75 -11.75
N TYR B 258 -0.71 13.69 -12.18
CA TYR B 258 -1.44 12.85 -11.23
C TYR B 258 -0.49 12.23 -10.20
N GLU B 259 0.70 11.82 -10.65
CA GLU B 259 1.67 11.26 -9.72
C GLU B 259 2.07 12.28 -8.67
N THR B 260 2.44 13.49 -9.10
CA THR B 260 2.84 14.54 -8.16
C THR B 260 1.70 14.90 -7.22
N GLU B 261 0.46 14.85 -7.69
CA GLU B 261 -0.69 15.03 -6.80
C GLU B 261 -0.68 13.97 -5.71
N ARG B 262 -0.55 12.71 -6.11
CA ARG B 262 -0.48 11.62 -5.14
C ARG B 262 0.67 11.83 -4.16
N LEU B 263 1.82 12.28 -4.66
CA LEU B 263 2.97 12.50 -3.80
C LEU B 263 2.69 13.60 -2.77
N ILE B 264 2.08 14.70 -3.22
CA ILE B 264 1.79 15.81 -2.31
C ILE B 264 0.81 15.38 -1.24
N GLN B 265 -0.17 14.55 -1.62
CA GLN B 265 -1.12 14.09 -0.61
C GLN B 265 -0.43 13.15 0.37
N GLU B 266 0.39 12.23 -0.15
CA GLU B 266 1.10 11.30 0.74
C GLU B 266 1.95 12.05 1.75
N LEU B 267 2.63 13.11 1.29
CA LEU B 267 3.44 13.93 2.17
C LEU B 267 2.59 14.60 3.24
N ALA B 268 1.60 15.39 2.81
CA ALA B 268 0.73 16.06 3.79
C ALA B 268 0.12 15.07 4.76
N LYS B 269 -0.11 13.83 4.32
CA LYS B 269 -0.54 12.76 5.23
C LYS B 269 0.54 12.48 6.27
N CYS B 270 1.76 12.23 5.82
CA CYS B 270 2.86 11.86 6.73
C CYS B 270 3.41 13.06 7.51
N LYS B 271 2.71 14.19 7.46
CA LYS B 271 3.01 15.37 8.30
C LYS B 271 4.42 15.87 8.05
N ILE B 272 4.66 16.28 6.81
CA ILE B 272 5.82 17.07 6.44
C ILE B 272 5.24 18.39 5.95
N ASP B 273 6.08 19.33 5.54
CA ASP B 273 5.62 20.59 5.01
C ASP B 273 6.17 20.71 3.59
N THR B 274 5.64 21.67 2.84
CA THR B 274 6.07 21.86 1.47
C THR B 274 5.50 23.16 0.93
N HIS B 275 6.24 23.78 0.02
CA HIS B 275 5.78 25.02 -0.61
C HIS B 275 6.16 25.14 -2.08
N ASN B 276 6.74 24.10 -2.70
CA ASN B 276 7.40 24.35 -3.97
C ASN B 276 7.25 23.17 -4.92
N ILE B 277 6.84 23.51 -6.15
CA ILE B 277 6.65 22.55 -7.23
C ILE B 277 7.39 23.17 -8.41
N ILE B 278 8.64 22.78 -8.62
CA ILE B 278 9.34 23.18 -9.82
C ILE B 278 8.75 22.43 -11.00
N VAL B 279 8.59 23.10 -12.13
CA VAL B 279 8.25 22.44 -13.37
C VAL B 279 9.53 22.42 -14.19
N ASN B 280 9.54 21.64 -15.27
CA ASN B 280 10.80 21.46 -15.97
C ASN B 280 10.55 21.04 -17.40
N GLN B 281 11.60 21.14 -18.23
CA GLN B 281 11.51 20.92 -19.67
C GLN B 281 10.39 21.75 -20.30
N LEU B 282 10.51 23.07 -20.19
CA LEU B 282 9.52 24.00 -20.73
C LEU B 282 10.04 24.57 -22.04
N VAL B 283 9.35 24.27 -23.13
CA VAL B 283 9.68 24.87 -24.42
C VAL B 283 9.12 26.29 -24.47
N PHE B 284 9.78 27.16 -25.23
CA PHE B 284 9.37 28.56 -25.39
C PHE B 284 9.64 29.01 -26.81
N PRO B 285 8.69 28.83 -27.72
CA PRO B 285 8.92 29.10 -29.14
C PRO B 285 8.50 30.52 -29.48
N ASP B 286 8.88 30.94 -30.69
CA ASP B 286 8.58 32.27 -31.16
C ASP B 286 8.19 32.20 -32.63
N PRO B 287 7.56 33.25 -33.17
CA PRO B 287 7.10 33.19 -34.57
C PRO B 287 8.24 33.05 -35.57
N GLU B 288 9.47 33.40 -35.18
CA GLU B 288 10.63 33.17 -36.04
C GLU B 288 10.72 31.72 -36.49
N LYS B 289 10.22 30.79 -35.68
CA LYS B 289 10.22 29.37 -36.01
C LYS B 289 8.86 28.98 -36.58
N PRO B 290 8.75 28.78 -37.89
CA PRO B 290 7.47 28.33 -38.47
C PRO B 290 7.08 26.90 -38.14
N CYS B 291 7.83 26.21 -37.28
CA CYS B 291 7.51 24.82 -36.97
C CYS B 291 6.11 24.74 -36.37
N LYS B 292 5.27 23.84 -36.92
CA LYS B 292 3.92 23.67 -36.42
C LYS B 292 3.78 22.71 -35.24
N MET B 293 4.60 21.66 -35.15
CA MET B 293 4.53 20.80 -33.97
C MET B 293 4.93 21.58 -32.72
N CYS B 294 5.89 22.50 -32.87
CA CYS B 294 6.28 23.38 -31.77
C CYS B 294 5.15 24.28 -31.32
N GLU B 295 4.12 24.49 -32.13
CA GLU B 295 2.95 25.25 -31.69
C GLU B 295 1.84 24.35 -31.18
N ALA B 296 1.79 23.11 -31.69
CA ALA B 296 0.78 22.16 -31.21
C ALA B 296 1.10 21.80 -29.77
N ARG B 297 2.34 21.41 -29.54
CA ARG B 297 2.75 21.09 -28.19
C ARG B 297 2.67 22.36 -27.36
N HIS B 298 3.04 23.51 -27.94
CA HIS B 298 2.99 24.77 -27.21
C HIS B 298 1.62 24.99 -26.57
N LYS B 299 0.57 24.94 -27.40
CA LYS B 299 -0.79 25.11 -26.86
C LYS B 299 -1.12 24.03 -25.84
N ILE B 300 -0.76 22.77 -26.11
CA ILE B 300 -1.08 21.70 -25.16
C ILE B 300 -0.45 22.00 -23.80
N GLN B 301 0.87 22.20 -23.81
CA GLN B 301 1.63 22.44 -22.59
C GLN B 301 1.15 23.70 -21.88
N ALA B 302 0.85 24.77 -22.63
CA ALA B 302 0.30 26.00 -22.07
C ALA B 302 -0.95 25.68 -21.27
N LYS B 303 -1.95 25.15 -21.96
CA LYS B 303 -3.23 24.78 -21.36
C LYS B 303 -2.95 23.99 -20.07
N TYR B 304 -2.12 22.94 -20.17
CA TYR B 304 -1.84 22.12 -18.99
C TYR B 304 -1.28 23.00 -17.86
N LEU B 305 -0.28 23.83 -18.18
CA LEU B 305 0.36 24.72 -17.20
C LEU B 305 -0.67 25.60 -16.51
N ASP B 306 -1.75 25.95 -17.20
CA ASP B 306 -2.71 26.87 -16.60
C ASP B 306 -3.64 26.09 -15.69
N GLN B 307 -4.06 24.90 -16.14
CA GLN B 307 -4.78 24.02 -15.23
C GLN B 307 -3.93 23.73 -14.00
N MET B 308 -2.60 23.70 -14.18
CA MET B 308 -1.67 23.47 -13.07
C MET B 308 -1.78 24.61 -12.08
N GLU B 309 -1.68 25.85 -12.59
CA GLU B 309 -1.82 27.04 -11.75
C GLU B 309 -3.10 26.98 -10.95
N ASP B 310 -4.24 26.77 -11.63
CA ASP B 310 -5.53 26.80 -10.96
C ASP B 310 -5.53 25.93 -9.71
N LEU B 311 -4.92 24.74 -9.78
CA LEU B 311 -4.99 23.79 -8.69
C LEU B 311 -3.95 24.03 -7.61
N TYR B 312 -3.01 24.96 -7.82
CA TYR B 312 -1.92 25.19 -6.87
C TYR B 312 -1.69 26.67 -6.59
N GLU B 313 -2.75 27.49 -6.57
CA GLU B 313 -2.55 28.89 -6.25
C GLU B 313 -1.91 29.05 -4.87
N ASP B 314 -2.26 28.18 -3.93
CA ASP B 314 -1.64 28.21 -2.60
C ASP B 314 -0.13 28.11 -2.71
N PHE B 315 0.36 27.06 -3.35
CA PHE B 315 1.79 26.84 -3.47
C PHE B 315 2.41 27.79 -4.49
N HIS B 316 3.72 27.93 -4.41
CA HIS B 316 4.45 28.71 -5.39
C HIS B 316 4.63 27.90 -6.67
N ILE B 317 4.94 28.60 -7.76
CA ILE B 317 5.21 27.97 -9.04
C ILE B 317 6.52 28.54 -9.58
N VAL B 318 7.33 27.69 -10.21
CA VAL B 318 8.65 28.08 -10.69
C VAL B 318 8.73 27.67 -12.17
N LYS B 319 8.40 28.61 -13.06
CA LYS B 319 8.67 28.39 -14.48
C LYS B 319 10.17 28.21 -14.69
N LEU B 320 10.52 27.34 -15.62
CA LEU B 320 11.93 27.00 -15.81
C LEU B 320 12.15 26.45 -17.21
N PRO B 321 12.45 27.31 -18.18
CA PRO B 321 12.42 26.88 -19.59
C PRO B 321 13.50 25.88 -19.94
N LEU B 322 13.16 24.99 -20.87
CA LEU B 322 14.11 24.01 -21.38
C LEU B 322 15.29 24.68 -22.08
N LEU B 323 16.49 24.19 -21.77
CA LEU B 323 17.70 24.74 -22.36
C LEU B 323 18.10 23.95 -23.59
N PRO B 324 18.74 24.59 -24.57
CA PRO B 324 19.26 23.84 -25.72
C PRO B 324 20.21 22.73 -25.30
N HIS B 325 20.39 21.76 -26.21
CA HIS B 325 21.41 20.73 -26.02
C HIS B 325 22.81 21.28 -26.25
N GLU B 326 22.93 22.58 -26.48
CA GLU B 326 24.21 23.18 -26.87
C GLU B 326 25.22 23.16 -25.74
N VAL B 327 24.85 23.70 -24.58
CA VAL B 327 25.76 23.89 -23.46
C VAL B 327 25.45 22.88 -22.37
N ARG B 328 26.49 22.16 -21.93
CA ARG B 328 26.39 21.15 -20.88
C ARG B 328 27.64 21.24 -20.01
N GLY B 329 27.46 21.31 -18.70
CA GLY B 329 28.56 21.46 -17.77
C GLY B 329 28.36 22.67 -16.86
N ALA B 330 29.45 23.06 -16.20
CA ALA B 330 29.45 24.24 -15.34
C ALA B 330 28.76 25.43 -15.99
N ASP B 331 29.05 25.67 -17.27
CA ASP B 331 28.32 26.65 -18.05
C ASP B 331 26.82 26.51 -17.81
N LYS B 332 26.29 25.31 -18.09
CA LYS B 332 24.86 25.09 -17.93
C LYS B 332 24.44 25.39 -16.50
N VAL B 333 25.07 24.72 -15.52
CA VAL B 333 24.60 24.81 -14.13
C VAL B 333 24.49 26.28 -13.72
N ASN B 334 25.58 27.05 -13.84
CA ASN B 334 25.51 28.50 -13.63
C ASN B 334 24.29 29.14 -14.30
N THR B 335 24.19 29.00 -15.64
CA THR B 335 23.14 29.69 -16.38
C THR B 335 21.76 29.28 -15.87
N PHE B 336 21.56 27.96 -15.70
CA PHE B 336 20.29 27.41 -15.28
C PHE B 336 19.91 27.95 -13.92
N SER B 337 20.87 27.98 -12.98
CA SER B 337 20.58 28.42 -11.63
C SER B 337 20.27 29.90 -11.59
N ALA B 338 20.82 30.67 -12.53
CA ALA B 338 20.47 32.08 -12.63
C ALA B 338 18.97 32.30 -12.72
N LEU B 339 18.25 31.38 -13.40
CA LEU B 339 16.81 31.53 -13.57
C LEU B 339 16.05 31.49 -12.24
N LEU B 340 16.59 30.83 -11.22
CA LEU B 340 15.84 30.67 -9.98
C LEU B 340 15.84 31.93 -9.11
N LEU B 341 16.23 33.08 -9.65
CA LEU B 341 16.11 34.35 -8.94
C LEU B 341 15.19 35.33 -9.66
N GLU B 342 15.37 35.51 -10.96
CA GLU B 342 14.48 36.39 -11.70
C GLU B 342 13.54 35.56 -12.58
N PRO B 343 12.30 36.01 -12.77
CA PRO B 343 11.40 35.30 -13.69
C PRO B 343 11.97 35.24 -15.10
N TYR B 344 11.69 34.14 -15.79
CA TYR B 344 12.19 33.97 -17.14
C TYR B 344 11.46 34.88 -18.12
N LYS B 345 12.22 35.52 -18.99
CA LYS B 345 11.65 36.34 -20.07
C LYS B 345 12.24 35.87 -21.39
N PRO B 346 11.42 35.32 -22.31
CA PRO B 346 11.88 34.85 -23.61
C PRO B 346 12.19 35.99 -24.57
N LEU C 150 -28.23 -11.80 24.49
CA LEU C 150 -27.53 -11.29 23.32
C LEU C 150 -28.48 -10.63 22.31
N PRO C 151 -29.47 -11.31 21.72
CA PRO C 151 -30.42 -10.60 20.84
C PRO C 151 -31.04 -9.36 21.45
N SER C 152 -31.53 -9.47 22.68
CA SER C 152 -32.18 -8.34 23.36
C SER C 152 -31.22 -7.15 23.46
N PHE C 153 -30.02 -7.40 23.97
CA PHE C 153 -29.01 -6.35 24.11
C PHE C 153 -28.68 -5.75 22.76
N SER C 154 -28.55 -6.59 21.73
CA SER C 154 -28.30 -6.07 20.38
C SER C 154 -29.43 -5.14 19.94
N SER C 155 -30.67 -5.51 20.23
CA SER C 155 -31.80 -4.64 19.93
C SER C 155 -31.66 -3.29 20.61
N PHE C 156 -31.31 -3.30 21.91
CA PHE C 156 -31.16 -2.03 22.63
C PHE C 156 -30.00 -1.20 22.07
N MET C 157 -28.84 -1.83 21.84
CA MET C 157 -27.71 -1.07 21.33
C MET C 157 -28.04 -0.46 19.98
N SER C 158 -28.65 -1.24 19.08
CA SER C 158 -29.05 -0.67 17.79
C SER C 158 -30.05 0.47 17.96
N ARG C 159 -31.02 0.32 18.87
CA ARG C 159 -32.03 1.35 19.04
C ARG C 159 -31.45 2.64 19.62
N VAL C 160 -30.36 2.55 20.40
CA VAL C 160 -29.70 3.78 20.84
C VAL C 160 -28.76 4.30 19.76
N LEU C 161 -28.06 3.41 19.07
CA LEU C 161 -27.08 3.67 18.02
C LEU C 161 -27.74 4.12 16.72
N GLN C 162 -29.07 4.25 16.71
CA GLN C 162 -29.77 4.74 15.52
C GLN C 162 -29.23 6.08 15.02
N LYS C 163 -28.75 6.94 15.93
CA LYS C 163 -28.13 8.19 15.48
C LYS C 163 -26.91 7.91 14.60
N ASP C 164 -26.06 6.98 15.03
CA ASP C 164 -24.94 6.57 14.18
C ASP C 164 -25.44 5.93 12.90
N ALA C 165 -26.47 5.09 12.98
CA ALA C 165 -26.96 4.42 11.78
C ALA C 165 -27.64 5.35 10.80
N GLU C 166 -28.01 6.56 11.23
CA GLU C 166 -28.56 7.57 10.34
C GLU C 166 -27.42 8.37 9.71
N GLN C 167 -26.53 8.90 10.56
CA GLN C 167 -25.43 9.71 10.05
C GLN C 167 -24.54 8.92 9.10
N GLU C 168 -24.12 7.71 9.47
CA GLU C 168 -23.24 6.95 8.58
C GLU C 168 -23.92 6.71 7.24
N SER C 169 -25.24 6.51 7.28
CA SER C 169 -25.99 6.23 6.07
C SER C 169 -25.99 7.45 5.16
N GLN C 170 -26.52 8.57 5.65
CA GLN C 170 -26.52 9.81 4.86
C GLN C 170 -25.13 10.14 4.32
N MET C 171 -24.08 10.01 5.16
CA MET C 171 -22.74 10.34 4.68
C MET C 171 -22.35 9.45 3.51
N ARG C 172 -22.26 8.12 3.72
CA ARG C 172 -21.87 7.27 2.60
C ARG C 172 -22.75 7.50 1.39
N ALA C 173 -24.05 7.78 1.61
CA ALA C 173 -24.97 8.01 0.49
C ALA C 173 -24.47 9.16 -0.37
N GLU C 174 -24.22 10.32 0.24
CA GLU C 174 -23.71 11.42 -0.56
C GLU C 174 -22.34 11.08 -1.13
N ILE C 175 -21.53 10.33 -0.36
CA ILE C 175 -20.21 9.90 -0.86
C ILE C 175 -20.34 9.25 -2.22
N GLN C 176 -21.23 8.25 -2.35
CA GLN C 176 -21.38 7.63 -3.67
C GLN C 176 -21.99 8.62 -4.66
N ASP C 177 -22.92 9.47 -4.20
CA ASP C 177 -23.48 10.47 -5.11
C ASP C 177 -22.37 11.24 -5.82
N MET C 178 -21.41 11.76 -5.05
CA MET C 178 -20.34 12.50 -5.71
C MET C 178 -19.31 11.58 -6.36
N LYS C 179 -19.17 10.33 -5.93
CA LYS C 179 -18.31 9.40 -6.63
C LYS C 179 -18.82 9.16 -8.05
N GLN C 180 -20.13 8.98 -8.19
CA GLN C 180 -20.75 8.90 -9.51
C GLN C 180 -20.57 10.20 -10.27
N GLU C 181 -20.76 11.34 -9.59
CA GLU C 181 -20.50 12.63 -10.24
C GLU C 181 -19.10 12.65 -10.83
N LEU C 182 -18.10 12.32 -10.01
CA LEU C 182 -16.73 12.13 -10.45
C LEU C 182 -16.66 11.27 -11.70
N SER C 183 -17.30 10.09 -11.66
CA SER C 183 -17.29 9.20 -12.82
C SER C 183 -17.81 9.89 -14.06
N THR C 184 -18.57 10.98 -13.91
CA THR C 184 -19.07 11.76 -15.02
C THR C 184 -18.25 13.04 -15.22
N VAL C 185 -17.00 13.05 -14.78
CA VAL C 185 -16.12 14.20 -14.85
C VAL C 185 -14.95 13.85 -15.75
N ASN C 186 -14.65 14.74 -16.70
CA ASN C 186 -13.59 14.48 -17.65
C ASN C 186 -12.25 14.52 -16.93
N MET C 187 -11.32 13.69 -17.40
CA MET C 187 -9.98 13.61 -16.84
C MET C 187 -8.98 14.49 -17.59
N MET C 188 -9.46 15.37 -18.46
CA MET C 188 -8.57 16.21 -19.24
C MET C 188 -8.85 17.70 -19.09
N ASP C 189 -10.11 18.10 -18.88
CA ASP C 189 -10.47 19.50 -18.83
C ASP C 189 -10.99 19.89 -17.45
N GLU C 190 -11.03 18.97 -16.50
CA GLU C 190 -11.59 19.30 -15.18
C GLU C 190 -10.78 18.68 -14.05
N PHE C 191 -9.58 18.15 -14.34
CA PHE C 191 -8.70 17.52 -13.36
C PHE C 191 -8.56 18.31 -12.07
N ALA C 192 -8.64 19.64 -12.15
CA ALA C 192 -8.50 20.47 -10.95
C ALA C 192 -9.64 20.21 -9.97
N ARG C 193 -10.87 20.43 -10.43
CA ARG C 193 -12.02 20.14 -9.58
C ARG C 193 -12.00 18.67 -9.19
N TYR C 194 -11.76 17.77 -10.16
CA TYR C 194 -11.61 16.36 -9.84
C TYR C 194 -10.68 16.11 -8.66
N ALA C 195 -9.56 16.84 -8.59
CA ALA C 195 -8.60 16.64 -7.52
C ALA C 195 -9.14 17.16 -6.21
N ARG C 196 -9.85 18.27 -6.26
CA ARG C 196 -10.55 18.72 -5.07
C ARG C 196 -11.49 17.64 -4.56
N LEU C 197 -12.17 16.94 -5.48
CA LEU C 197 -13.10 15.89 -5.07
C LEU C 197 -12.39 14.70 -4.42
N GLU C 198 -11.30 14.18 -5.00
CA GLU C 198 -10.64 13.10 -4.26
C GLU C 198 -10.19 13.59 -2.89
N ARG C 199 -9.59 14.79 -2.80
CA ARG C 199 -9.14 15.24 -1.48
C ARG C 199 -10.30 15.25 -0.49
N LYS C 200 -11.46 15.76 -0.92
CA LYS C 200 -12.64 15.75 -0.06
C LYS C 200 -13.00 14.33 0.38
N ILE C 201 -13.09 13.41 -0.59
CA ILE C 201 -13.46 12.04 -0.25
C ILE C 201 -12.49 11.47 0.77
N ASN C 202 -11.19 11.61 0.53
CA ASN C 202 -10.20 11.10 1.47
C ASN C 202 -10.40 11.68 2.86
N LYS C 203 -10.51 13.01 2.98
CA LYS C 203 -10.67 13.59 4.31
C LYS C 203 -11.92 13.03 5.00
N MET C 204 -13.08 13.14 4.37
CA MET C 204 -14.30 12.59 4.96
C MET C 204 -14.12 11.14 5.41
N THR C 205 -13.72 10.29 4.47
CA THR C 205 -13.57 8.86 4.75
C THR C 205 -12.62 8.58 5.89
N ASP C 206 -11.36 9.03 5.79
CA ASP C 206 -10.39 8.69 6.82
C ASP C 206 -10.83 9.22 8.19
N LYS C 207 -11.33 10.46 8.26
CA LYS C 207 -11.73 10.98 9.57
C LYS C 207 -12.87 10.15 10.17
N LEU C 208 -13.98 10.01 9.46
CA LEU C 208 -15.08 9.24 10.03
C LEU C 208 -14.65 7.80 10.30
N LYS C 209 -13.77 7.25 9.47
CA LYS C 209 -13.32 5.86 9.63
C LYS C 209 -12.54 5.69 10.92
N THR C 210 -11.58 6.59 11.20
CA THR C 210 -10.87 6.49 12.48
C THR C 210 -11.85 6.67 13.63
N HIS C 211 -12.84 7.54 13.44
CA HIS C 211 -13.91 7.68 14.42
C HIS C 211 -14.58 6.33 14.64
N VAL C 212 -14.81 5.58 13.54
CA VAL C 212 -15.41 4.26 13.63
C VAL C 212 -14.52 3.32 14.44
N LYS C 213 -13.21 3.31 14.17
CA LYS C 213 -12.33 2.51 15.02
C LYS C 213 -12.57 2.81 16.49
N ALA C 214 -12.57 4.09 16.86
CA ALA C 214 -12.72 4.45 18.27
C ALA C 214 -14.09 4.01 18.80
N ARG C 215 -15.13 4.20 17.99
CA ARG C 215 -16.47 3.76 18.40
C ARG C 215 -16.50 2.25 18.62
N THR C 216 -15.91 1.49 17.71
CA THR C 216 -15.91 0.04 17.86
C THR C 216 -15.06 -0.38 19.05
N ALA C 217 -14.04 0.43 19.38
CA ALA C 217 -13.28 0.20 20.60
C ALA C 217 -14.17 0.30 21.83
N GLN C 218 -14.93 1.40 21.93
CA GLN C 218 -15.83 1.49 23.09
C GLN C 218 -16.92 0.42 23.02
N LEU C 219 -17.25 -0.04 21.81
CA LEU C 219 -18.24 -1.11 21.66
C LEU C 219 -17.70 -2.42 22.20
N ALA C 220 -16.42 -2.71 21.94
CA ALA C 220 -15.81 -3.92 22.47
C ALA C 220 -15.54 -3.78 23.95
N LYS C 221 -15.47 -2.55 24.43
CA LYS C 221 -15.45 -2.35 25.88
C LYS C 221 -16.81 -2.67 26.46
N ILE C 222 -17.89 -2.40 25.72
CA ILE C 222 -19.20 -2.78 26.22
C ILE C 222 -19.38 -4.29 26.11
N LYS C 223 -18.71 -4.94 25.16
CA LYS C 223 -18.73 -6.40 25.16
C LYS C 223 -17.93 -6.96 26.34
N TRP C 224 -16.89 -6.25 26.77
CA TRP C 224 -16.15 -6.74 27.92
C TRP C 224 -16.90 -6.48 29.23
N VAL C 225 -17.68 -5.40 29.31
CA VAL C 225 -18.50 -5.27 30.51
C VAL C 225 -19.68 -6.24 30.50
N ILE C 226 -20.17 -6.63 29.31
CA ILE C 226 -21.22 -7.65 29.34
C ILE C 226 -20.60 -9.02 29.60
N SER C 227 -19.31 -9.20 29.27
CA SER C 227 -18.64 -10.43 29.64
C SER C 227 -18.43 -10.50 31.15
N VAL C 228 -18.14 -9.35 31.77
CA VAL C 228 -18.11 -9.31 33.23
C VAL C 228 -19.48 -9.67 33.79
N ALA C 229 -20.54 -9.13 33.18
CA ALA C 229 -21.89 -9.49 33.58
C ALA C 229 -22.10 -11.00 33.46
N PHE C 230 -21.58 -11.59 32.39
CA PHE C 230 -21.71 -13.03 32.20
C PHE C 230 -21.00 -13.78 33.32
N TYR C 231 -19.79 -13.32 33.67
CA TYR C 231 -19.03 -13.98 34.74
C TYR C 231 -19.76 -13.84 36.06
N VAL C 232 -20.57 -12.79 36.18
CA VAL C 232 -21.38 -12.62 37.38
C VAL C 232 -22.53 -13.61 37.32
N LEU C 233 -23.04 -13.91 36.13
CA LEU C 233 -24.08 -14.93 36.03
C LEU C 233 -23.54 -16.33 36.32
N GLN C 234 -22.27 -16.61 36.02
CA GLN C 234 -21.73 -17.89 36.48
C GLN C 234 -21.55 -17.89 38.00
N ALA C 235 -21.02 -16.80 38.57
CA ALA C 235 -20.96 -16.74 40.03
C ALA C 235 -22.35 -16.90 40.64
N ALA C 236 -23.37 -16.38 39.97
CA ALA C 236 -24.74 -16.50 40.42
C ALA C 236 -25.16 -17.97 40.45
N LEU C 237 -25.09 -18.65 39.31
CA LEU C 237 -25.47 -20.06 39.30
C LEU C 237 -24.59 -20.89 40.22
N MET C 238 -23.39 -20.41 40.52
CA MET C 238 -22.50 -21.12 41.44
C MET C 238 -23.07 -21.06 42.83
N ILE C 239 -23.36 -19.85 43.33
CA ILE C 239 -24.00 -19.72 44.63
C ILE C 239 -25.37 -20.40 44.62
N SER C 240 -25.98 -20.57 43.45
CA SER C 240 -27.26 -21.28 43.39
C SER C 240 -27.06 -22.73 43.79
N LEU C 241 -26.10 -23.43 43.14
CA LEU C 241 -25.82 -24.80 43.60
C LEU C 241 -25.32 -24.81 45.04
N ILE C 242 -24.59 -23.79 45.46
CA ILE C 242 -24.15 -23.71 46.86
C ILE C 242 -25.34 -23.80 47.80
N TRP C 243 -26.41 -23.05 47.49
CA TRP C 243 -27.57 -23.07 48.37
C TRP C 243 -28.43 -24.31 48.14
N LYS C 244 -28.47 -24.82 46.90
CA LYS C 244 -29.06 -26.11 46.63
C LYS C 244 -28.50 -27.20 47.53
N TYR C 245 -27.21 -27.08 47.86
CA TYR C 245 -26.62 -27.99 48.84
C TYR C 245 -26.98 -27.55 50.27
N TYR C 246 -26.49 -26.40 50.68
CA TYR C 246 -26.69 -25.92 52.05
C TYR C 246 -28.16 -25.63 52.32
N ARG D 5 3.18 -1.82 42.97
CA ARG D 5 2.27 -2.92 42.65
C ARG D 5 2.91 -4.25 43.04
N ILE D 6 4.15 -4.46 42.61
CA ILE D 6 4.90 -5.65 43.04
C ILE D 6 5.21 -5.58 44.52
N PHE D 7 5.50 -4.38 45.03
CA PHE D 7 5.84 -4.23 46.44
C PHE D 7 4.66 -4.59 47.36
N ARG D 8 3.45 -4.13 47.04
CA ARG D 8 2.31 -4.57 47.84
C ARG D 8 2.15 -6.08 47.80
N LEU D 9 2.43 -6.70 46.65
CA LEU D 9 2.35 -8.15 46.54
C LEU D 9 3.33 -8.85 47.48
N VAL D 10 4.61 -8.48 47.43
CA VAL D 10 5.55 -9.04 48.38
C VAL D 10 5.19 -8.67 49.81
N GLY D 11 4.48 -7.56 50.01
CA GLY D 11 3.99 -7.24 51.35
C GLY D 11 2.99 -8.27 51.84
N CYS D 12 2.04 -8.63 50.97
CA CYS D 12 1.11 -9.69 51.33
C CYS D 12 1.80 -11.05 51.40
N ALA D 13 2.95 -11.20 50.75
CA ALA D 13 3.75 -12.41 50.93
C ALA D 13 4.33 -12.48 52.34
N LEU D 14 4.88 -11.37 52.82
CA LEU D 14 5.34 -11.33 54.22
C LEU D 14 4.17 -11.47 55.18
N LEU D 15 2.99 -11.00 54.78
CA LEU D 15 1.78 -11.23 55.56
C LEU D 15 1.52 -12.73 55.68
N ALA D 16 1.53 -13.42 54.53
CA ALA D 16 1.35 -14.87 54.51
C ALA D 16 2.35 -15.55 55.43
N LEU D 17 3.62 -15.11 55.38
CA LEU D 17 4.64 -15.70 56.25
C LEU D 17 4.29 -15.51 57.72
N GLY D 18 3.84 -14.30 58.09
CA GLY D 18 3.43 -14.08 59.47
C GLY D 18 2.25 -14.96 59.85
N VAL D 19 1.31 -15.14 58.92
CA VAL D 19 0.14 -15.97 59.16
C VAL D 19 0.60 -17.41 59.42
N ARG D 20 1.56 -17.90 58.63
CA ARG D 20 2.07 -19.24 58.86
C ARG D 20 2.74 -19.31 60.23
N ALA D 21 3.50 -18.27 60.57
CA ALA D 21 4.22 -18.21 61.83
C ALA D 21 3.29 -18.34 63.05
N PHE D 22 2.16 -17.62 63.07
CA PHE D 22 1.38 -17.65 64.31
C PHE D 22 -0.10 -18.04 64.24
N VAL D 23 -0.77 -18.04 63.09
CA VAL D 23 -2.20 -18.32 63.08
C VAL D 23 -2.51 -19.70 63.67
N CYS D 24 -1.78 -20.74 63.24
CA CYS D 24 -2.06 -22.08 63.75
C CYS D 24 -1.82 -22.17 65.26
N LYS D 25 -0.97 -21.31 65.82
CA LYS D 25 -0.80 -21.27 67.27
C LYS D 25 -2.15 -21.07 67.96
N TYR D 26 -3.09 -20.41 67.29
CA TYR D 26 -4.46 -20.24 67.76
C TYR D 26 -4.50 -19.58 69.15
N LEU D 27 -3.85 -18.41 69.24
CA LEU D 27 -3.87 -17.65 70.48
C LEU D 27 -5.28 -17.23 70.88
N SER D 28 -6.14 -16.95 69.90
CA SER D 28 -7.51 -16.57 70.18
C SER D 28 -8.41 -17.03 69.03
N ILE D 29 -9.72 -16.93 69.25
CA ILE D 29 -10.71 -17.26 68.22
C ILE D 29 -10.90 -16.01 67.36
N PHE D 30 -9.93 -15.74 66.49
CA PHE D 30 -9.93 -14.51 65.70
C PHE D 30 -9.49 -14.70 64.24
N ALA D 31 -9.35 -15.94 63.76
CA ALA D 31 -8.84 -16.23 62.42
C ALA D 31 -9.48 -15.37 61.32
N PRO D 32 -10.81 -15.44 61.10
CA PRO D 32 -11.36 -14.67 59.97
C PRO D 32 -11.32 -13.17 60.19
N PHE D 33 -11.47 -12.70 61.42
CA PHE D 33 -11.41 -11.27 61.67
C PHE D 33 -10.01 -10.72 61.41
N LEU D 34 -8.98 -11.46 61.83
CA LEU D 34 -7.62 -11.01 61.53
C LEU D 34 -7.35 -11.07 60.04
N THR D 35 -7.82 -12.13 59.36
CA THR D 35 -7.79 -12.16 57.90
C THR D 35 -8.33 -10.86 57.31
N LEU D 36 -9.54 -10.47 57.70
CA LEU D 36 -10.12 -9.29 57.08
C LEU D 36 -9.59 -7.98 57.63
N GLN D 37 -8.82 -7.98 58.73
CA GLN D 37 -8.20 -6.72 59.14
C GLN D 37 -6.89 -6.53 58.39
N LEU D 38 -6.13 -7.61 58.21
CA LEU D 38 -4.95 -7.51 57.37
C LEU D 38 -5.37 -7.07 55.98
N ALA D 39 -6.45 -7.66 55.45
CA ALA D 39 -6.95 -7.19 54.15
C ALA D 39 -7.33 -5.70 54.19
N TYR D 40 -7.97 -5.23 55.27
CA TYR D 40 -8.27 -3.79 55.32
C TYR D 40 -7.01 -2.93 55.28
N MET D 41 -5.94 -3.35 55.97
CA MET D 41 -4.72 -2.54 55.92
C MET D 41 -4.34 -2.19 54.49
N GLY D 42 -4.13 -3.20 53.65
CA GLY D 42 -3.79 -2.94 52.26
C GLY D 42 -4.90 -2.23 51.50
N LEU D 43 -6.16 -2.63 51.74
CA LEU D 43 -7.29 -1.99 51.06
C LEU D 43 -7.25 -0.48 51.24
N TYR D 44 -7.02 -0.04 52.48
CA TYR D 44 -6.90 1.38 52.76
C TYR D 44 -5.61 1.95 52.16
N LYS D 45 -4.49 1.22 52.29
CA LYS D 45 -3.20 1.74 51.81
C LYS D 45 -3.26 2.09 50.33
N TYR D 46 -4.07 1.36 49.55
CA TYR D 46 -4.18 1.65 48.12
C TYR D 46 -4.49 3.12 47.84
N PHE D 47 -5.44 3.70 48.60
CA PHE D 47 -5.87 5.07 48.32
C PHE D 47 -4.74 6.09 48.43
N PRO D 48 -4.02 6.20 49.55
CA PRO D 48 -2.88 7.15 49.59
C PRO D 48 -1.96 7.08 48.38
N LYS D 49 -1.60 5.88 47.91
CA LYS D 49 -0.68 5.76 46.80
C LYS D 49 -1.37 6.06 45.46
N SER D 50 -2.51 5.40 45.22
CA SER D 50 -3.27 5.45 43.96
C SER D 50 -2.67 6.27 42.80
N ALA D 65 -19.77 5.16 32.35
CA ALA D 65 -18.56 5.83 32.81
C ALA D 65 -18.26 5.46 34.25
N GLU D 66 -19.10 5.91 35.18
CA GLU D 66 -18.91 5.58 36.58
C GLU D 66 -19.02 4.08 36.81
N VAL D 67 -19.99 3.43 36.17
CA VAL D 67 -20.14 1.98 36.30
C VAL D 67 -18.92 1.27 35.71
N ILE D 68 -18.37 1.83 34.62
CA ILE D 68 -17.17 1.25 34.00
C ILE D 68 -16.02 1.20 34.99
N ASN D 69 -15.81 2.29 35.73
CA ASN D 69 -14.72 2.34 36.70
C ASN D 69 -14.88 1.26 37.76
N ARG D 70 -16.11 1.06 38.25
CA ARG D 70 -16.36 0.02 39.24
C ARG D 70 -16.02 -1.36 38.70
N SER D 71 -16.45 -1.66 37.47
CA SER D 71 -16.26 -3.00 36.92
C SER D 71 -14.79 -3.38 36.79
N MET D 72 -13.94 -2.48 36.34
CA MET D 72 -12.52 -2.82 36.23
C MET D 72 -11.93 -3.17 37.59
N ASP D 73 -12.30 -2.40 38.62
CA ASP D 73 -11.76 -2.63 39.95
C ASP D 73 -12.27 -3.96 40.52
N THR D 74 -13.58 -4.21 40.42
CA THR D 74 -14.17 -5.43 40.96
C THR D 74 -13.41 -6.68 40.52
N TYR D 75 -13.09 -6.78 39.23
CA TYR D 75 -12.37 -7.95 38.74
C TYR D 75 -10.98 -8.03 39.35
N SER D 76 -10.27 -6.91 39.41
CA SER D 76 -8.93 -6.89 40.01
C SER D 76 -8.96 -7.30 41.49
N LYS D 77 -9.88 -6.73 42.27
CA LYS D 77 -9.94 -7.09 43.69
C LYS D 77 -10.31 -8.56 43.88
N MET D 78 -11.31 -9.06 43.14
CA MET D 78 -11.71 -10.45 43.29
C MET D 78 -10.54 -11.40 43.05
N GLY D 79 -9.75 -11.14 42.01
CA GLY D 79 -8.60 -11.98 41.73
C GLY D 79 -7.61 -12.01 42.88
N GLU D 80 -7.28 -10.84 43.42
CA GLU D 80 -6.31 -10.75 44.49
C GLU D 80 -6.83 -11.38 45.78
N VAL D 81 -8.05 -11.03 46.19
CA VAL D 81 -8.61 -11.57 47.43
C VAL D 81 -8.66 -13.10 47.37
N PHE D 82 -9.14 -13.64 46.24
CA PHE D 82 -9.21 -15.09 46.07
C PHE D 82 -7.85 -15.73 46.30
N THR D 83 -6.80 -15.11 45.75
CA THR D 83 -5.44 -15.57 46.01
C THR D 83 -5.12 -15.52 47.50
N ASP D 84 -5.20 -14.33 48.10
CA ASP D 84 -4.86 -14.14 49.51
C ASP D 84 -5.67 -15.06 50.42
N LEU D 85 -6.99 -15.17 50.19
CA LEU D 85 -7.82 -15.96 51.09
C LEU D 85 -7.36 -17.42 51.15
N CYS D 86 -7.15 -18.05 50.00
CA CYS D 86 -6.68 -19.43 50.02
C CYS D 86 -5.25 -19.53 50.52
N VAL D 87 -4.45 -18.48 50.34
CA VAL D 87 -3.09 -18.47 50.87
C VAL D 87 -3.13 -18.63 52.38
N TYR D 88 -4.08 -17.96 53.02
CA TYR D 88 -4.31 -18.13 54.45
C TYR D 88 -4.55 -19.59 54.80
N PHE D 89 -5.23 -20.33 53.91
CA PHE D 89 -5.44 -21.76 54.14
C PHE D 89 -4.13 -22.54 54.03
N PHE D 90 -3.28 -22.18 53.06
CA PHE D 90 -1.98 -22.82 52.94
C PHE D 90 -1.16 -22.69 54.23
N THR D 91 -1.37 -21.61 54.98
CA THR D 91 -0.60 -21.40 56.20
C THR D 91 -0.88 -22.47 57.25
N PHE D 92 -2.05 -23.09 57.22
CA PHE D 92 -2.30 -24.23 58.10
C PHE D 92 -1.69 -25.52 57.56
N ILE D 93 -1.21 -25.52 56.31
CA ILE D 93 -0.66 -26.73 55.69
C ILE D 93 0.86 -26.83 55.86
N PHE D 94 1.52 -25.85 56.45
CA PHE D 94 2.98 -25.90 56.51
C PHE D 94 3.55 -25.81 57.92
N CYS D 95 2.98 -24.99 58.80
CA CYS D 95 3.39 -25.04 60.21
C CYS D 95 3.15 -26.41 60.84
N HIS D 96 2.34 -27.26 60.20
CA HIS D 96 2.05 -28.60 60.73
C HIS D 96 2.71 -29.72 59.95
N GLU D 97 3.13 -29.49 58.70
CA GLU D 97 3.88 -30.50 57.97
C GLU D 97 5.18 -30.85 58.69
N LEU D 98 5.86 -29.83 59.26
CA LEU D 98 7.04 -30.09 60.07
C LEU D 98 6.69 -30.89 61.31
N LEU D 99 5.54 -30.60 61.94
CA LEU D 99 5.11 -31.36 63.10
C LEU D 99 4.90 -32.83 62.77
N ASP D 100 4.45 -33.13 61.54
CA ASP D 100 4.35 -34.52 61.10
C ASP D 100 5.70 -35.23 61.23
N TYR D 101 6.78 -34.57 60.81
CA TYR D 101 8.10 -35.14 60.95
C TYR D 101 8.56 -35.14 62.42
N TRP D 102 8.06 -34.21 63.23
CA TRP D 102 8.40 -34.16 64.65
C TRP D 102 8.01 -35.45 65.37
N ALA D 127 -0.75 -38.87 57.86
CA ALA D 127 -0.89 -40.22 57.33
C ALA D 127 -1.07 -40.20 55.81
N ALA D 128 -2.06 -40.95 55.32
CA ALA D 128 -2.37 -40.97 53.89
C ALA D 128 -2.77 -39.60 53.38
N ASP D 129 -3.37 -38.79 54.26
CA ASP D 129 -3.79 -37.45 53.88
C ASP D 129 -2.63 -36.58 53.39
N HIS D 130 -1.48 -36.59 54.10
CA HIS D 130 -0.42 -35.70 53.64
C HIS D 130 0.17 -36.14 52.30
N TRP D 131 0.19 -37.44 52.01
CA TRP D 131 0.55 -37.86 50.66
C TRP D 131 -0.49 -37.39 49.65
N ALA D 132 -1.77 -37.48 50.02
CA ALA D 132 -2.79 -37.01 49.10
C ALA D 132 -2.63 -35.51 48.79
N TRP D 133 -2.26 -34.68 49.78
CA TRP D 133 -1.94 -33.31 49.41
C TRP D 133 -0.72 -33.25 48.48
N LEU D 134 0.36 -33.96 48.82
CA LEU D 134 1.57 -33.84 48.01
C LEU D 134 1.34 -34.25 46.56
N LEU D 135 0.45 -35.21 46.31
CA LEU D 135 0.35 -35.75 44.95
C LEU D 135 -0.17 -34.73 43.96
N VAL D 136 -1.00 -33.78 44.40
CA VAL D 136 -1.57 -32.83 43.46
C VAL D 136 -0.54 -31.80 43.05
N LEU D 137 0.53 -31.65 43.85
CA LEU D 137 1.67 -30.85 43.41
C LEU D 137 2.23 -31.42 42.12
N SER D 138 2.68 -32.68 42.17
CA SER D 138 3.12 -33.40 40.97
C SER D 138 2.11 -33.25 39.84
N PHE D 139 0.85 -33.57 40.12
CA PHE D 139 -0.22 -33.44 39.14
C PHE D 139 -0.12 -32.13 38.37
N VAL D 140 -0.09 -31.01 39.09
CA VAL D 140 -0.20 -29.74 38.40
C VAL D 140 1.14 -29.29 37.82
N PHE D 141 2.27 -29.73 38.39
CA PHE D 141 3.53 -29.56 37.68
C PHE D 141 3.46 -30.23 36.32
N GLY D 142 2.89 -31.43 36.27
CA GLY D 142 2.82 -32.11 34.99
C GLY D 142 1.90 -31.39 34.02
N CYS D 143 0.71 -31.01 34.47
CA CYS D 143 -0.21 -30.30 33.59
C CYS D 143 0.39 -28.99 33.06
N ASN D 144 1.16 -28.27 33.88
CA ASN D 144 1.64 -26.99 33.37
C ASN D 144 2.94 -27.14 32.58
N VAL D 145 3.79 -28.13 32.92
CA VAL D 145 4.90 -28.37 32.04
C VAL D 145 4.42 -28.86 30.68
N LEU D 146 3.22 -29.47 30.60
CA LEU D 146 2.74 -29.79 29.25
C LEU D 146 2.10 -28.60 28.54
N ARG D 147 1.40 -27.72 29.27
CA ARG D 147 0.96 -26.49 28.59
C ARG D 147 2.12 -25.59 28.21
N ILE D 148 3.32 -25.83 28.73
CA ILE D 148 4.52 -25.12 28.29
C ILE D 148 5.30 -25.98 27.30
N LEU D 149 5.11 -27.29 27.34
CA LEU D 149 5.67 -28.22 26.38
C LEU D 149 5.08 -27.99 24.98
N LEU D 150 3.86 -27.47 24.89
CA LEU D 150 3.27 -27.21 23.56
C LEU D 150 4.25 -26.48 22.63
N PRO D 151 4.91 -25.39 23.06
CA PRO D 151 5.99 -24.85 22.22
C PRO D 151 7.06 -25.88 21.89
N SER D 152 7.37 -26.82 22.79
CA SER D 152 8.32 -27.87 22.42
C SER D 152 7.84 -28.62 21.18
N PHE D 153 6.54 -28.94 21.08
CA PHE D 153 6.03 -29.53 19.83
C PHE D 153 6.21 -28.57 18.66
N SER D 154 5.94 -27.28 18.87
CA SER D 154 6.21 -26.32 17.80
C SER D 154 7.63 -26.47 17.28
N SER D 155 8.60 -26.49 18.20
CA SER D 155 10.00 -26.71 17.84
C SER D 155 10.25 -28.10 17.27
N PHE D 156 9.42 -29.08 17.65
CA PHE D 156 9.58 -30.45 17.19
C PHE D 156 9.17 -30.59 15.73
N MET D 157 8.29 -29.71 15.27
CA MET D 157 7.96 -29.64 13.84
C MET D 157 9.22 -29.48 12.99
N SER D 158 10.33 -29.04 13.59
CA SER D 158 11.54 -28.82 12.82
C SER D 158 12.13 -30.12 12.27
N ARG D 159 11.60 -31.29 12.64
CA ARG D 159 12.06 -32.52 12.01
C ARG D 159 11.83 -32.49 10.50
N VAL D 160 10.65 -32.03 10.08
CA VAL D 160 10.38 -31.84 8.67
C VAL D 160 10.71 -30.42 8.24
N LEU D 161 10.65 -29.46 9.17
CA LEU D 161 11.02 -28.10 8.82
C LEU D 161 12.49 -27.95 8.47
N GLN D 162 13.36 -28.89 8.84
CA GLN D 162 14.74 -28.80 8.38
C GLN D 162 14.84 -29.06 6.88
N LYS D 163 14.24 -30.16 6.39
CA LYS D 163 14.17 -30.41 4.96
C LYS D 163 13.45 -29.29 4.23
N ASP D 164 12.49 -28.63 4.90
CA ASP D 164 11.86 -27.47 4.28
C ASP D 164 12.81 -26.28 4.24
N ALA D 165 13.51 -26.04 5.35
CA ALA D 165 14.38 -24.88 5.51
C ALA D 165 15.52 -24.90 4.51
N GLU D 166 16.20 -26.04 4.35
CA GLU D 166 17.30 -26.09 3.38
C GLU D 166 16.86 -25.54 2.02
N GLN D 167 15.77 -26.06 1.46
CA GLN D 167 15.28 -25.60 0.17
C GLN D 167 14.93 -24.12 0.23
N GLU D 168 14.03 -23.75 1.15
CA GLU D 168 13.54 -22.38 1.23
C GLU D 168 14.70 -21.40 1.42
N SER D 169 15.71 -21.78 2.18
CA SER D 169 16.86 -20.92 2.46
C SER D 169 17.69 -20.72 1.20
N GLN D 170 17.96 -21.81 0.47
CA GLN D 170 18.63 -21.64 -0.81
C GLN D 170 17.84 -20.69 -1.72
N MET D 171 16.51 -20.86 -1.74
CA MET D 171 15.65 -19.99 -2.54
C MET D 171 15.88 -18.55 -2.16
N ARG D 172 15.90 -18.28 -0.85
CA ARG D 172 16.12 -16.93 -0.40
C ARG D 172 17.48 -16.43 -0.87
N ALA D 173 18.54 -17.21 -0.62
CA ALA D 173 19.86 -16.82 -1.07
C ALA D 173 19.85 -16.29 -2.49
N GLU D 174 19.27 -17.05 -3.44
CA GLU D 174 19.25 -16.53 -4.80
C GLU D 174 18.44 -15.24 -4.91
N ILE D 175 17.23 -15.19 -4.32
CA ILE D 175 16.43 -13.97 -4.52
C ILE D 175 17.15 -12.74 -3.96
N GLN D 176 17.75 -12.85 -2.76
CA GLN D 176 18.44 -11.70 -2.20
C GLN D 176 19.63 -11.28 -3.07
N ASP D 177 20.48 -12.22 -3.50
CA ASP D 177 21.60 -11.76 -4.32
C ASP D 177 21.10 -11.15 -5.63
N MET D 178 20.02 -11.69 -6.20
CA MET D 178 19.49 -11.12 -7.42
C MET D 178 19.01 -9.68 -7.20
N LYS D 179 18.27 -9.43 -6.11
CA LYS D 179 17.85 -8.06 -5.83
C LYS D 179 19.04 -7.14 -5.54
N GLN D 180 20.06 -7.63 -4.83
CA GLN D 180 21.20 -6.78 -4.56
C GLN D 180 21.88 -6.37 -5.86
N GLU D 181 22.06 -7.32 -6.79
CA GLU D 181 22.62 -6.95 -8.08
C GLU D 181 21.68 -6.01 -8.84
N LEU D 182 20.36 -6.19 -8.67
CA LEU D 182 19.41 -5.32 -9.34
C LEU D 182 19.58 -3.88 -8.90
N SER D 183 19.83 -3.68 -7.60
CA SER D 183 20.01 -2.34 -7.03
C SER D 183 21.07 -1.54 -7.77
N THR D 184 22.10 -2.19 -8.29
CA THR D 184 23.21 -1.54 -8.97
C THR D 184 22.92 -1.24 -10.43
N VAL D 185 21.64 -1.15 -10.81
CA VAL D 185 21.23 -0.97 -12.21
C VAL D 185 20.40 0.31 -12.30
N ASN D 186 20.69 1.09 -13.35
CA ASN D 186 19.99 2.36 -13.59
C ASN D 186 18.69 2.05 -14.33
N MET D 187 17.96 3.09 -14.74
CA MET D 187 16.66 2.88 -15.37
C MET D 187 16.62 3.48 -16.78
N MET D 188 16.90 4.78 -16.89
CA MET D 188 16.78 5.52 -18.14
C MET D 188 17.50 4.84 -19.29
N ASP D 189 18.65 4.20 -19.00
CA ASP D 189 19.45 3.57 -20.04
C ASP D 189 19.57 2.07 -19.88
N GLU D 190 18.87 1.47 -18.90
CA GLU D 190 19.01 0.03 -18.68
C GLU D 190 17.68 -0.61 -18.30
N PHE D 191 16.56 -0.04 -18.79
CA PHE D 191 15.26 -0.60 -18.47
C PHE D 191 15.16 -2.07 -18.88
N ALA D 192 15.80 -2.44 -19.98
CA ALA D 192 15.75 -3.82 -20.46
C ALA D 192 16.22 -4.80 -19.40
N ARG D 193 17.44 -4.58 -18.89
CA ARG D 193 17.97 -5.45 -17.85
C ARG D 193 17.15 -5.32 -16.57
N TYR D 194 16.74 -4.10 -16.23
CA TYR D 194 15.89 -3.90 -15.07
C TYR D 194 14.70 -4.85 -15.10
N ALA D 195 13.86 -4.72 -16.13
CA ALA D 195 12.66 -5.55 -16.22
C ALA D 195 13.00 -7.02 -16.29
N ARG D 196 14.08 -7.40 -16.98
CA ARG D 196 14.46 -8.81 -17.03
C ARG D 196 14.65 -9.37 -15.62
N LEU D 197 15.42 -8.65 -14.80
CA LEU D 197 15.67 -9.12 -13.45
C LEU D 197 14.40 -9.04 -12.61
N GLU D 198 13.62 -7.97 -12.78
CA GLU D 198 12.39 -7.81 -12.01
C GLU D 198 11.45 -8.99 -12.23
N ARG D 199 11.21 -9.37 -13.49
CA ARG D 199 10.33 -10.50 -13.74
C ARG D 199 10.93 -11.80 -13.21
N LYS D 200 12.26 -11.95 -13.28
CA LYS D 200 12.86 -13.19 -12.77
C LYS D 200 12.65 -13.27 -11.25
N ILE D 201 13.04 -12.21 -10.55
CA ILE D 201 12.90 -12.20 -9.10
C ILE D 201 11.45 -12.46 -8.75
N ASN D 202 10.53 -11.56 -9.15
CA ASN D 202 9.10 -11.64 -8.87
C ASN D 202 8.60 -13.07 -9.04
N LYS D 203 9.06 -13.76 -10.10
CA LYS D 203 8.63 -15.13 -10.33
C LYS D 203 9.09 -16.04 -9.19
N MET D 204 10.42 -16.13 -9.00
CA MET D 204 10.90 -16.99 -7.92
C MET D 204 10.33 -16.58 -6.57
N THR D 205 10.07 -15.29 -6.41
CA THR D 205 9.52 -14.73 -5.18
C THR D 205 8.15 -15.33 -4.90
N ASP D 206 7.26 -15.28 -5.90
CA ASP D 206 5.92 -15.81 -5.71
C ASP D 206 5.98 -17.33 -5.49
N LYS D 207 6.91 -18.00 -6.17
CA LYS D 207 7.11 -19.42 -5.90
C LYS D 207 7.40 -19.64 -4.41
N LEU D 208 8.35 -18.86 -3.88
CA LEU D 208 8.73 -18.99 -2.47
C LEU D 208 7.56 -18.69 -1.53
N LYS D 209 6.89 -17.55 -1.71
CA LYS D 209 5.70 -17.27 -0.90
C LYS D 209 4.75 -18.45 -0.88
N THR D 210 4.44 -19.01 -2.06
CA THR D 210 3.49 -20.12 -2.08
C THR D 210 4.00 -21.30 -1.27
N HIS D 211 5.27 -21.68 -1.47
CA HIS D 211 5.85 -22.79 -0.70
C HIS D 211 5.74 -22.55 0.81
N VAL D 212 6.20 -21.39 1.26
CA VAL D 212 6.19 -21.09 2.69
C VAL D 212 4.77 -21.09 3.24
N LYS D 213 3.84 -20.44 2.51
CA LYS D 213 2.46 -20.39 2.96
C LYS D 213 1.90 -21.80 3.11
N ALA D 214 2.16 -22.67 2.14
CA ALA D 214 1.66 -24.04 2.22
C ALA D 214 2.17 -24.71 3.49
N ARG D 215 3.49 -24.62 3.72
CA ARG D 215 4.06 -25.27 4.90
C ARG D 215 3.44 -24.74 6.18
N THR D 216 3.44 -23.41 6.34
CA THR D 216 2.90 -22.81 7.55
C THR D 216 1.44 -23.23 7.75
N ALA D 217 0.62 -23.09 6.70
CA ALA D 217 -0.79 -23.43 6.70
C ALA D 217 -1.06 -24.92 6.82
N GLN D 218 -0.01 -25.74 6.92
CA GLN D 218 -0.14 -27.17 7.13
C GLN D 218 0.23 -27.48 8.58
N LEU D 219 1.45 -27.07 8.96
CA LEU D 219 1.91 -27.26 10.33
C LEU D 219 0.95 -26.63 11.33
N ALA D 220 0.26 -25.55 10.94
CA ALA D 220 -0.65 -24.87 11.88
C ALA D 220 -1.76 -25.81 12.32
N LYS D 221 -2.49 -26.41 11.38
CA LYS D 221 -3.46 -27.43 11.76
C LYS D 221 -2.80 -28.56 12.54
N ILE D 222 -1.59 -28.97 12.14
CA ILE D 222 -0.96 -30.08 12.88
C ILE D 222 -0.87 -29.73 14.37
N LYS D 223 -0.41 -28.51 14.66
CA LYS D 223 -0.23 -28.11 16.03
C LYS D 223 -1.58 -27.91 16.73
N TRP D 224 -2.55 -27.34 16.01
CA TRP D 224 -3.92 -27.23 16.54
C TRP D 224 -4.46 -28.57 17.03
N VAL D 225 -4.31 -29.61 16.19
CA VAL D 225 -4.91 -30.90 16.53
C VAL D 225 -4.13 -31.57 17.65
N ILE D 226 -2.79 -31.51 17.62
CA ILE D 226 -2.08 -32.13 18.72
C ILE D 226 -2.37 -31.38 20.02
N SER D 227 -2.73 -30.10 19.91
CA SER D 227 -3.00 -29.29 21.09
C SER D 227 -4.33 -29.67 21.71
N VAL D 228 -5.40 -29.64 20.92
CA VAL D 228 -6.69 -30.15 21.41
C VAL D 228 -6.53 -31.56 21.95
N ALA D 229 -5.65 -32.37 21.35
CA ALA D 229 -5.48 -33.75 21.78
C ALA D 229 -4.97 -33.82 23.22
N PHE D 230 -3.77 -33.28 23.47
CA PHE D 230 -3.32 -33.40 24.85
C PHE D 230 -4.19 -32.57 25.79
N TYR D 231 -4.93 -31.59 25.25
CA TYR D 231 -5.85 -30.78 26.05
C TYR D 231 -6.94 -31.66 26.66
N VAL D 232 -7.58 -32.45 25.80
CA VAL D 232 -8.61 -33.32 26.33
C VAL D 232 -7.96 -34.43 27.14
N LEU D 233 -6.64 -34.68 26.95
CA LEU D 233 -6.01 -35.65 27.84
C LEU D 233 -5.78 -35.09 29.25
N GLN D 234 -5.56 -33.77 29.41
CA GLN D 234 -5.46 -33.32 30.81
C GLN D 234 -6.85 -33.23 31.41
N ALA D 235 -7.85 -32.87 30.61
CA ALA D 235 -9.23 -32.93 31.12
C ALA D 235 -9.57 -34.36 31.54
N ALA D 236 -9.05 -35.34 30.80
CA ALA D 236 -9.24 -36.74 31.19
C ALA D 236 -8.57 -37.00 32.54
N LEU D 237 -7.33 -36.50 32.73
CA LEU D 237 -6.68 -36.66 34.02
C LEU D 237 -7.49 -36.01 35.16
N MET D 238 -8.07 -34.83 34.92
CA MET D 238 -8.92 -34.24 35.95
C MET D 238 -10.09 -35.14 36.29
N ILE D 239 -10.84 -35.59 35.28
CA ILE D 239 -11.99 -36.44 35.60
C ILE D 239 -11.53 -37.72 36.27
N SER D 240 -10.31 -38.18 35.96
CA SER D 240 -9.77 -39.38 36.57
C SER D 240 -9.54 -39.18 38.06
N LEU D 241 -8.88 -38.08 38.43
CA LEU D 241 -8.69 -37.78 39.86
C LEU D 241 -10.03 -37.54 40.55
N ILE D 242 -10.98 -36.89 39.86
CA ILE D 242 -12.30 -36.66 40.44
C ILE D 242 -12.95 -37.98 40.82
N TRP D 243 -12.93 -38.96 39.92
CA TRP D 243 -13.48 -40.26 40.27
C TRP D 243 -12.63 -40.99 41.30
N LYS D 244 -11.30 -40.76 41.29
CA LYS D 244 -10.43 -41.35 42.30
C LYS D 244 -10.86 -40.90 43.70
N TYR D 245 -11.31 -39.65 43.83
CA TYR D 245 -11.76 -39.10 45.10
C TYR D 245 -13.28 -39.01 45.18
N TYR D 246 -13.99 -39.71 44.29
CA TYR D 246 -15.45 -39.71 44.26
C TYR D 246 -16.07 -39.98 45.64
N VAL D 271 -17.95 -32.56 48.34
CA VAL D 271 -18.06 -31.31 47.61
C VAL D 271 -16.93 -30.35 47.99
N ALA D 272 -16.71 -30.18 49.29
CA ALA D 272 -15.65 -29.30 49.77
C ALA D 272 -14.29 -29.72 49.21
N GLY D 273 -14.02 -31.03 49.17
CA GLY D 273 -12.76 -31.49 48.63
C GLY D 273 -12.54 -31.10 47.18
N GLY D 274 -13.60 -31.21 46.36
CA GLY D 274 -13.46 -30.88 44.95
C GLY D 274 -13.12 -29.41 44.72
N VAL D 275 -13.89 -28.51 45.34
CA VAL D 275 -13.60 -27.09 45.20
C VAL D 275 -12.22 -26.76 45.76
N GLY D 276 -11.84 -27.39 46.87
CA GLY D 276 -10.50 -27.20 47.38
C GLY D 276 -9.43 -27.60 46.38
N ILE D 277 -9.59 -28.77 45.76
CA ILE D 277 -8.65 -29.22 44.74
C ILE D 277 -8.54 -28.18 43.63
N THR D 278 -9.69 -27.68 43.17
CA THR D 278 -9.67 -26.65 42.13
C THR D 278 -8.89 -25.43 42.60
N CYS D 279 -9.08 -25.05 43.86
CA CYS D 279 -8.33 -23.92 44.40
C CYS D 279 -6.83 -24.16 44.34
N TRP D 280 -6.37 -25.34 44.81
CA TRP D 280 -4.92 -25.57 44.79
C TRP D 280 -4.39 -25.66 43.38
N ILE D 281 -5.18 -26.18 42.44
CA ILE D 281 -4.63 -26.38 41.10
C ILE D 281 -4.66 -25.10 40.28
N LEU D 282 -5.49 -24.13 40.63
CA LEU D 282 -5.54 -22.92 39.82
C LEU D 282 -5.10 -21.66 40.56
N VAL D 283 -5.78 -21.29 41.66
CA VAL D 283 -5.59 -20.02 42.35
C VAL D 283 -4.13 -19.74 42.70
N CYS D 284 -3.32 -20.79 42.77
CA CYS D 284 -1.91 -20.70 43.13
C CYS D 284 -1.01 -20.92 41.92
N ASN D 285 -1.23 -22.03 41.22
CA ASN D 285 -0.37 -22.41 40.11
C ASN D 285 -0.37 -21.34 39.03
N LYS D 286 -1.55 -20.83 38.64
CA LYS D 286 -1.56 -19.81 37.59
C LYS D 286 -0.72 -18.59 37.99
N VAL D 287 -0.74 -18.24 39.27
CA VAL D 287 0.10 -17.14 39.76
C VAL D 287 1.57 -17.51 39.65
N VAL D 288 1.92 -18.73 40.04
CA VAL D 288 3.32 -19.14 39.95
C VAL D 288 3.80 -19.09 38.50
N ALA D 289 2.96 -19.56 37.58
CA ALA D 289 3.27 -19.47 36.16
C ALA D 289 3.43 -18.03 35.68
N ILE D 290 2.51 -17.13 36.06
CA ILE D 290 2.66 -15.73 35.65
C ILE D 290 3.88 -15.08 36.30
N VAL D 291 4.44 -15.68 37.35
CA VAL D 291 5.65 -15.14 37.96
C VAL D 291 6.91 -15.69 37.30
N LEU D 292 6.94 -16.98 36.98
CA LEU D 292 8.15 -17.61 36.48
C LEU D 292 8.26 -17.62 34.96
N HIS D 293 7.16 -17.80 34.24
CA HIS D 293 7.16 -17.82 32.77
C HIS D 293 6.02 -16.96 32.24
N PRO D 294 5.99 -15.65 32.57
CA PRO D 294 4.91 -14.75 32.14
C PRO D 294 4.70 -14.75 30.63
#